data_7B5Q
#
_entry.id   7B5Q
#
_cell.length_a   1.00
_cell.length_b   1.00
_cell.length_c   1.00
_cell.angle_alpha   90.00
_cell.angle_beta   90.00
_cell.angle_gamma   90.00
#
_symmetry.space_group_name_H-M   'P 1'
#
loop_
_entity.id
_entity.type
_entity.pdbx_description
1 polymer 'CDK-activating kinase assembly factor MAT1'
2 polymer Cyclin-H
3 polymer 'Cyclin-dependent kinase 7'
4 non-polymer (3R,4R)-4-[[[7-[(phenylmethyl)amino]-3-propan-2-yl-pyrazolo[1,5-a]pyrimidin-5-yl]amino]methyl]piperidin-3-ol
5 water water
#
loop_
_entity_poly.entity_id
_entity_poly.type
_entity_poly.pdbx_seq_one_letter_code
_entity_poly.pdbx_strand_id
1 'polypeptide(L)'
;MGSSHHHHHHENLYFQSNAMDDQGCPRCKTTKYRNPSLKLMVNVCGHTLCESCVDLLFVRGAGNCPECGTPLRKSNFRVQ
LFEDPTVDKEVEIRKKVLKIYNKREEDFPSLREYNDFLEEVEEIVFNLTNNVDLDNTKKKMEIYQKENKDVIQKNKLKLT
REQEELEEALEVERQENEQRRLFIQKEEQLQQILKRKNKQAFLDELESSDLPVALLLAQHKDRSTQLEMQLEKPKPVKPV
TFSTGIKMGQHISLAPIHKLEEALYEYQPLQIETYGPHVPELEMLGRLGYLNHVRAASPQDLAGGYTSSLACHRALQDAF
SGLFWQPS
;
H
2 'polypeptide(L)'
;MYHNSSQKRHWTFSSEEQLARLRADANRKFRCKAVANGKVLPNDPVFLEPHEEMTLCKYYEKRLLEFCSVFKPAMPRSVV
GTACMYFKRFYLNNSVMEYHPRIIMLTCAFLACKVDEFNVSSPQFVGNLRESPLGQEKALEQILEYELLLIQQLNFHLIV
HNPYRPFEGFLIDLKTRYPILENPEILRKTADDFLNRIALTDAYLLYTPSQIALTAILSSASRAGITMESYLSESLMLKE
NRTCLSQLLDIMKSMRNLVKKYEPPRSEEVAVLKQKLERCHSAELALNVITKKRKGYEDDDYVSKKSKHEEEEWTDDDLV
ESL
;
I
3 'polypeptide(L)'
;MASWSHPQFEKGGGSGGGSGGGSWSHPQFEKSGGGSENLYFQSNAMALDVKSRAKRYEKLDFLGEGQFATVYKARDKNTN
QIVAIKKIKLGHRSEAKDGINRTALREIKLLQELSHPNIIGLLDAFGHKSNISLVFDFMETDLEVIIKDNSLVLTPSHIK
AYMLMTLQGLEYLHQHWILHRDLKPNNLLLDENGVLKLADFGLAKSFGSPNRAYTHQVVTRWYRAPELLFGARMYGVGVD
MWAVGCILAELLLRVPFLPGDSDLDQLTRIFETLGTPTEEQWPDMCSLPDYVTFKSFPGIPLHHIFSAAGDDLLDLIQGL
FLFNPCARITATQALKMKYFSNRPGPTPGCQLPRPNCPVETLKEQSNPALAIKRKRTEALEQGGLPKKLIF
;
J
#
loop_
_chem_comp.id
_chem_comp.type
_chem_comp.name
_chem_comp.formula
I74 non-polymer (3R,4R)-4-[[[7-[(phenylmethyl)amino]-3-propan-2-yl-pyrazolo[1,5-a]pyrimidin-5-yl]amino]methyl]piperidin-3-ol 'C22 H30 N6 O'
#
# COMPACT_ATOMS: atom_id res chain seq x y z
N ALA A 263 2.41 35.89 3.27
CA ALA A 263 2.27 34.48 3.75
C ALA A 263 1.88 33.65 2.51
N LEU A 264 2.74 33.64 1.49
CA LEU A 264 2.51 32.95 0.23
C LEU A 264 3.08 31.54 0.33
N TYR A 265 2.57 30.61 -0.48
CA TYR A 265 3.15 29.29 -0.60
C TYR A 265 4.49 29.40 -1.32
N GLU A 266 5.41 28.49 -1.00
CA GLU A 266 6.54 28.15 -1.82
C GLU A 266 6.63 26.64 -1.68
N TYR A 267 6.64 25.95 -2.80
CA TYR A 267 6.82 24.51 -2.83
C TYR A 267 8.14 24.06 -2.18
N GLN A 268 8.05 23.10 -1.26
CA GLN A 268 9.19 22.44 -0.64
C GLN A 268 9.15 20.96 -1.08
N PRO A 269 10.21 20.43 -1.73
CA PRO A 269 10.27 19.07 -2.31
C PRO A 269 9.79 17.78 -1.60
N LEU A 270 9.23 17.84 -0.38
CA LEU A 270 8.72 16.70 0.39
C LEU A 270 9.83 15.71 0.75
N GLN A 271 10.73 16.15 1.62
CA GLN A 271 11.90 15.42 2.07
C GLN A 271 11.53 14.30 3.05
N ILE A 272 11.63 13.06 2.60
CA ILE A 272 11.49 11.86 3.39
C ILE A 272 12.78 11.06 3.16
N GLU A 273 13.37 10.57 4.25
CA GLU A 273 14.60 9.79 4.18
C GLU A 273 14.32 8.38 3.68
N THR A 274 14.78 8.12 2.47
CA THR A 274 15.03 6.80 1.97
C THR A 274 16.48 6.51 2.39
N TYR A 275 16.68 5.43 3.13
CA TYR A 275 17.97 5.13 3.72
C TYR A 275 18.70 4.24 2.72
N GLY A 276 19.01 4.76 1.55
CA GLY A 276 19.64 3.99 0.51
C GLY A 276 20.03 4.96 -0.59
N PRO A 277 20.57 4.45 -1.70
CA PRO A 277 21.15 5.30 -2.73
C PRO A 277 20.12 6.18 -3.45
N HIS A 278 20.59 7.25 -4.07
CA HIS A 278 19.79 8.18 -4.85
C HIS A 278 19.06 7.44 -5.98
N VAL A 279 17.74 7.57 -6.01
CA VAL A 279 16.94 7.08 -7.11
C VAL A 279 16.88 8.20 -8.17
N PRO A 280 17.22 7.89 -9.44
CA PRO A 280 17.11 8.85 -10.53
C PRO A 280 15.66 9.26 -10.77
N GLU A 281 15.42 10.55 -11.00
CA GLU A 281 14.07 11.09 -11.06
C GLU A 281 13.29 10.61 -12.30
N LEU A 282 11.97 10.54 -12.19
CA LEU A 282 11.04 9.93 -13.14
C LEU A 282 11.22 10.34 -14.62
N GLU A 283 11.52 11.61 -14.89
CA GLU A 283 11.75 12.11 -16.24
C GLU A 283 13.17 11.85 -16.77
N MET A 284 14.10 11.50 -15.89
CA MET A 284 15.47 11.18 -16.26
C MET A 284 15.60 9.73 -16.75
N LEU A 285 14.68 8.86 -16.36
CA LEU A 285 14.74 7.42 -16.56
C LEU A 285 14.99 6.97 -18.01
N GLY A 286 14.40 7.67 -18.98
CA GLY A 286 14.56 7.33 -20.38
C GLY A 286 15.92 7.84 -20.88
N ARG A 287 16.27 9.09 -20.59
CA ARG A 287 17.53 9.71 -21.03
C ARG A 287 18.76 9.12 -20.32
N LEU A 288 18.57 8.42 -19.21
CA LEU A 288 19.58 7.62 -18.53
C LEU A 288 19.50 6.12 -18.86
N GLY A 289 18.59 5.68 -19.73
CA GLY A 289 18.65 4.33 -20.32
C GLY A 289 17.99 3.25 -19.47
N TYR A 290 17.27 3.59 -18.40
CA TYR A 290 16.59 2.62 -17.53
C TYR A 290 15.42 1.95 -18.23
N LEU A 291 14.77 2.70 -19.12
CA LEU A 291 13.56 2.27 -19.80
C LEU A 291 13.78 1.21 -20.87
N ASN A 292 15.03 1.03 -21.31
CA ASN A 292 15.42 -0.08 -22.19
C ASN A 292 15.25 -1.44 -21.53
N HIS A 293 15.19 -1.46 -20.20
CA HIS A 293 15.33 -2.64 -19.36
C HIS A 293 14.05 -2.98 -18.60
N VAL A 294 12.94 -2.35 -18.98
CA VAL A 294 11.59 -2.66 -18.52
C VAL A 294 10.74 -2.86 -19.78
N ARG A 295 9.59 -3.53 -19.63
CA ARG A 295 8.60 -3.65 -20.71
C ARG A 295 7.97 -2.28 -20.97
N ALA A 296 7.75 -1.94 -22.24
CA ALA A 296 7.07 -0.70 -22.60
C ALA A 296 5.60 -0.77 -22.20
N ALA A 297 5.03 0.38 -21.80
CA ALA A 297 3.59 0.56 -21.70
C ALA A 297 2.94 0.32 -23.07
N SER A 298 1.87 -0.49 -23.06
CA SER A 298 1.01 -0.72 -24.23
C SER A 298 0.23 0.58 -24.53
N PRO A 299 -0.24 0.81 -25.77
CA PRO A 299 -1.15 1.93 -26.07
C PRO A 299 -2.35 2.09 -25.15
N GLN A 300 -2.98 0.99 -24.70
CA GLN A 300 -4.04 1.05 -23.68
C GLN A 300 -3.60 1.65 -22.36
N ASP A 301 -2.39 1.26 -21.95
CA ASP A 301 -1.79 1.67 -20.70
C ASP A 301 -1.36 3.12 -20.77
N LEU A 302 -0.77 3.51 -21.91
CA LEU A 302 -0.40 4.88 -22.24
C LEU A 302 -1.61 5.83 -22.26
N ALA A 303 -2.70 5.38 -22.89
CA ALA A 303 -3.95 6.11 -22.99
C ALA A 303 -4.60 6.33 -21.63
N GLY A 304 -4.34 5.44 -20.67
CA GLY A 304 -4.80 5.51 -19.30
C GLY A 304 -3.84 6.30 -18.41
N GLY A 305 -2.57 6.52 -18.78
CA GLY A 305 -1.62 7.25 -17.97
C GLY A 305 -0.59 6.38 -17.28
N TYR A 306 -0.52 5.08 -17.57
CA TYR A 306 0.58 4.23 -17.15
C TYR A 306 1.68 4.28 -18.22
N THR A 307 2.94 4.54 -17.83
CA THR A 307 4.00 4.85 -18.80
C THR A 307 5.21 3.91 -18.74
N SER A 308 5.28 3.00 -17.76
CA SER A 308 6.42 2.11 -17.50
C SER A 308 7.70 2.79 -16.95
N SER A 309 7.83 4.11 -17.12
CA SER A 309 8.50 4.98 -16.17
C SER A 309 7.96 4.84 -14.76
N LEU A 310 6.65 4.61 -14.60
CA LEU A 310 6.06 4.32 -13.30
C LEU A 310 6.58 3.04 -12.67
N ALA A 311 6.58 1.94 -13.45
CA ALA A 311 7.01 0.64 -12.97
C ALA A 311 8.51 0.56 -12.73
N CYS A 312 9.27 1.21 -13.60
CA CYS A 312 10.70 1.39 -13.49
C CYS A 312 11.04 2.15 -12.21
N HIS A 313 10.43 3.32 -12.03
CA HIS A 313 10.69 4.18 -10.88
C HIS A 313 10.30 3.53 -9.57
N ARG A 314 9.17 2.82 -9.54
CA ARG A 314 8.75 2.11 -8.36
C ARG A 314 9.73 0.98 -7.98
N ALA A 315 10.17 0.18 -8.96
CA ALA A 315 11.19 -0.84 -8.80
C ALA A 315 12.52 -0.29 -8.28
N LEU A 316 13.02 0.79 -8.86
CA LEU A 316 14.21 1.50 -8.38
C LEU A 316 14.04 2.08 -6.98
N GLN A 317 12.88 2.65 -6.66
CA GLN A 317 12.59 3.15 -5.32
C GLN A 317 12.57 2.04 -4.29
N ASP A 318 11.97 0.89 -4.58
CA ASP A 318 11.99 -0.26 -3.69
C ASP A 318 13.37 -0.84 -3.48
N ALA A 319 14.16 -1.02 -4.55
CA ALA A 319 15.55 -1.46 -4.53
C ALA A 319 16.43 -0.65 -3.60
N PHE A 320 16.23 0.65 -3.54
CA PHE A 320 17.08 1.53 -2.78
C PHE A 320 16.44 1.98 -1.46
N SER A 321 15.26 1.49 -1.07
CA SER A 321 14.41 2.12 -0.06
C SER A 321 15.09 2.22 1.32
N GLY A 322 15.56 1.10 1.87
CA GLY A 322 16.17 1.07 3.19
C GLY A 322 17.48 0.30 3.11
N LEU A 323 18.20 0.36 1.99
CA LEU A 323 19.41 -0.43 1.72
C LEU A 323 20.53 -0.22 2.73
N PHE A 324 20.60 0.97 3.31
CA PHE A 324 21.60 1.42 4.25
C PHE A 324 21.07 1.50 5.68
N TRP A 325 19.88 0.98 5.94
CA TRP A 325 19.28 1.05 7.26
C TRP A 325 19.57 -0.24 8.04
N GLN A 326 19.93 -0.12 9.32
CA GLN A 326 19.98 -1.23 10.26
C GLN A 326 18.99 -0.93 11.39
N PRO A 327 18.24 -1.95 11.87
CA PRO A 327 17.45 -1.81 13.10
C PRO A 327 18.26 -1.67 14.38
N MET B 1 5.73 2.26 1.00
CA MET B 1 7.20 2.34 0.76
C MET B 1 7.91 1.88 2.04
N TYR B 2 8.93 1.03 1.90
CA TYR B 2 9.60 0.39 3.04
C TYR B 2 10.21 1.36 4.05
N HIS B 3 10.82 2.46 3.61
CA HIS B 3 11.59 3.35 4.46
C HIS B 3 10.77 4.12 5.50
N ASN B 4 9.45 4.02 5.46
CA ASN B 4 8.56 4.58 6.47
C ASN B 4 7.43 3.61 6.82
N SER B 5 7.62 2.34 6.51
CA SER B 5 6.68 1.28 6.75
C SER B 5 6.57 0.88 8.22
N SER B 6 5.43 0.28 8.55
CA SER B 6 5.19 -0.44 9.78
C SER B 6 6.14 -1.63 9.93
N GLN B 7 6.49 -2.28 8.81
CA GLN B 7 7.49 -3.32 8.73
C GLN B 7 8.85 -2.88 9.27
N LYS B 8 9.38 -1.77 8.77
CA LYS B 8 10.62 -1.19 9.26
C LYS B 8 10.52 -0.78 10.72
N ARG B 9 9.44 -0.06 11.06
CA ARG B 9 9.24 0.53 12.37
C ARG B 9 9.01 -0.47 13.50
N HIS B 10 8.42 -1.64 13.21
CA HIS B 10 7.94 -2.56 14.25
C HIS B 10 8.34 -4.02 14.08
N TRP B 11 8.63 -4.47 12.85
CA TRP B 11 8.79 -5.88 12.54
C TRP B 11 10.13 -6.19 11.88
N THR B 12 11.12 -5.33 12.04
CA THR B 12 12.49 -5.59 11.65
C THR B 12 13.35 -5.41 12.91
N PHE B 13 13.88 -6.52 13.43
CA PHE B 13 14.47 -6.64 14.76
C PHE B 13 16.00 -6.60 14.67
N SER B 14 16.65 -6.23 15.78
CA SER B 14 18.08 -6.01 15.87
C SER B 14 18.94 -7.27 15.75
N SER B 15 18.44 -8.43 16.17
CA SER B 15 19.21 -9.66 16.14
C SER B 15 18.33 -10.89 16.28
N GLU B 16 18.88 -12.02 15.87
CA GLU B 16 18.26 -13.33 15.91
C GLU B 16 17.97 -13.80 17.36
N GLU B 17 18.74 -13.30 18.33
CA GLU B 17 18.51 -13.55 19.75
C GLU B 17 17.39 -12.69 20.34
N GLN B 18 17.09 -11.52 19.77
CA GLN B 18 15.88 -10.78 20.13
C GLN B 18 14.61 -11.55 19.71
N LEU B 19 14.64 -12.19 18.54
CA LEU B 19 13.56 -13.04 18.05
C LEU B 19 13.38 -14.26 18.94
N ALA B 20 14.50 -14.86 19.36
CA ALA B 20 14.52 -15.98 20.30
C ALA B 20 13.86 -15.63 21.63
N ARG B 21 14.13 -14.44 22.17
CA ARG B 21 13.46 -13.94 23.38
C ARG B 21 11.95 -13.81 23.24
N LEU B 22 11.47 -13.21 22.15
CA LEU B 22 10.04 -13.08 21.84
C LEU B 22 9.33 -14.44 21.82
N ARG B 23 9.93 -15.41 21.13
CA ARG B 23 9.43 -16.75 21.02
C ARG B 23 9.51 -17.54 22.33
N ALA B 24 10.61 -17.41 23.07
CA ALA B 24 10.77 -18.01 24.39
C ALA B 24 9.73 -17.49 25.39
N ASP B 25 9.48 -16.18 25.34
CA ASP B 25 8.47 -15.49 26.11
C ASP B 25 7.05 -15.97 25.74
N ALA B 26 6.76 -16.15 24.46
CA ALA B 26 5.48 -16.67 23.99
C ALA B 26 5.19 -18.11 24.45
N ASN B 27 6.22 -18.97 24.38
CA ASN B 27 6.22 -20.34 24.89
C ASN B 27 5.96 -20.38 26.41
N ARG B 28 6.71 -19.55 27.13
CA ARG B 28 6.60 -19.35 28.57
C ARG B 28 5.22 -18.89 28.99
N LYS B 29 4.64 -17.89 28.30
CA LYS B 29 3.29 -17.40 28.61
C LYS B 29 2.21 -18.46 28.42
N PHE B 30 2.33 -19.32 27.41
CA PHE B 30 1.39 -20.42 27.24
C PHE B 30 1.42 -21.41 28.40
N ARG B 31 2.63 -21.81 28.83
CA ARG B 31 2.85 -22.65 30.00
C ARG B 31 2.32 -21.99 31.29
N CYS B 32 2.70 -20.73 31.51
CA CYS B 32 2.28 -19.93 32.67
C CYS B 32 0.76 -19.79 32.75
N LYS B 33 0.13 -19.55 31.60
CA LYS B 33 -1.31 -19.54 31.43
C LYS B 33 -1.95 -20.90 31.68
N ALA B 34 -1.44 -21.96 31.04
CA ALA B 34 -2.00 -23.31 31.15
C ALA B 34 -1.91 -23.87 32.57
N VAL B 35 -0.86 -23.51 33.31
CA VAL B 35 -0.67 -23.88 34.71
C VAL B 35 -1.58 -23.04 35.65
N ALA B 36 -1.74 -21.74 35.37
CA ALA B 36 -2.73 -20.90 36.03
C ALA B 36 -4.18 -21.32 35.75
N ASN B 37 -4.39 -21.95 34.59
CA ASN B 37 -5.65 -22.57 34.15
C ASN B 37 -5.83 -23.99 34.73
N GLY B 38 -4.88 -24.48 35.52
CA GLY B 38 -4.91 -25.80 36.17
C GLY B 38 -4.58 -26.92 35.18
N PRO B 42 4.05 -28.19 36.44
CA PRO B 42 4.22 -26.98 35.61
C PRO B 42 5.33 -27.08 34.52
N ASN B 43 6.17 -28.10 34.63
CA ASN B 43 7.27 -28.47 33.74
C ASN B 43 6.95 -29.83 33.11
N ASP B 44 5.69 -29.94 32.71
CA ASP B 44 5.01 -31.12 32.20
C ASP B 44 5.47 -31.41 30.74
N PRO B 45 5.96 -32.63 30.42
CA PRO B 45 6.37 -33.00 29.05
C PRO B 45 5.33 -32.92 27.93
N VAL B 46 4.06 -32.61 28.22
CA VAL B 46 3.04 -32.31 27.23
C VAL B 46 3.33 -31.00 26.48
N PHE B 47 4.01 -30.06 27.13
CA PHE B 47 4.42 -28.80 26.53
C PHE B 47 5.55 -28.99 25.52
N LEU B 48 5.57 -28.14 24.51
CA LEU B 48 6.67 -28.00 23.57
C LEU B 48 7.67 -27.00 24.16
N GLU B 49 8.96 -27.26 24.00
CA GLU B 49 10.04 -26.31 24.24
C GLU B 49 10.15 -25.34 23.05
N PRO B 50 10.69 -24.11 23.23
CA PRO B 50 10.75 -23.11 22.15
C PRO B 50 11.40 -23.56 20.84
N HIS B 51 12.42 -24.43 20.91
CA HIS B 51 13.09 -24.99 19.75
C HIS B 51 12.24 -26.03 19.01
N GLU B 52 11.31 -26.67 19.72
CA GLU B 52 10.35 -27.59 19.13
C GLU B 52 9.22 -26.84 18.45
N GLU B 53 8.79 -25.72 19.05
CA GLU B 53 7.90 -24.78 18.36
C GLU B 53 8.53 -24.23 17.09
N MET B 54 9.82 -23.89 17.14
CA MET B 54 10.60 -23.46 16.00
C MET B 54 10.63 -24.47 14.86
N THR B 55 10.86 -25.75 15.15
CA THR B 55 10.81 -26.83 14.17
C THR B 55 9.42 -27.00 13.54
N LEU B 56 8.34 -26.85 14.31
CA LEU B 56 6.99 -26.89 13.79
C LEU B 56 6.64 -25.65 12.97
N CYS B 57 7.08 -24.47 13.40
CA CYS B 57 7.01 -23.25 12.60
C CYS B 57 7.77 -23.37 11.27
N LYS B 58 8.96 -24.00 11.25
CA LYS B 58 9.69 -24.25 10.02
C LYS B 58 8.96 -25.23 9.11
N TYR B 59 8.42 -26.29 9.70
CA TYR B 59 7.62 -27.26 9.00
C TYR B 59 6.33 -26.67 8.39
N TYR B 60 5.61 -25.86 9.16
CA TYR B 60 4.38 -25.25 8.71
C TYR B 60 4.57 -24.06 7.77
N GLU B 61 5.71 -23.34 7.84
CA GLU B 61 6.19 -22.44 6.80
C GLU B 61 6.29 -23.16 5.45
N LYS B 62 6.89 -24.35 5.47
CA LYS B 62 7.07 -25.16 4.28
C LYS B 62 5.74 -25.62 3.69
N ARG B 63 4.81 -26.08 4.53
CA ARG B 63 3.45 -26.43 4.09
C ARG B 63 2.65 -25.24 3.57
N LEU B 64 2.86 -24.06 4.13
CA LEU B 64 2.30 -22.82 3.61
C LEU B 64 2.82 -22.54 2.20
N LEU B 65 4.13 -22.67 2.01
CA LEU B 65 4.80 -22.59 0.72
C LEU B 65 4.17 -23.57 -0.30
N GLU B 66 3.96 -24.82 0.09
CA GLU B 66 3.34 -25.82 -0.78
C GLU B 66 1.86 -25.57 -1.07
N PHE B 67 1.09 -25.10 -0.09
CA PHE B 67 -0.31 -24.68 -0.25
C PHE B 67 -0.44 -23.57 -1.29
N CYS B 68 0.38 -22.54 -1.13
CA CYS B 68 0.46 -21.39 -2.00
C CYS B 68 1.01 -21.74 -3.39
N SER B 69 1.92 -22.72 -3.49
CA SER B 69 2.45 -23.27 -4.72
C SER B 69 1.39 -23.92 -5.62
N VAL B 70 0.54 -24.79 -5.05
CA VAL B 70 -0.46 -25.53 -5.80
C VAL B 70 -1.78 -24.77 -5.96
N PHE B 71 -1.92 -23.59 -5.33
CA PHE B 71 -3.15 -22.82 -5.23
C PHE B 71 -3.68 -22.39 -6.62
N LYS B 72 -4.95 -22.68 -6.89
CA LYS B 72 -5.68 -22.32 -8.10
C LYS B 72 -6.78 -21.32 -7.72
N PRO B 73 -6.87 -20.12 -8.34
CA PRO B 73 -6.01 -19.58 -9.41
C PRO B 73 -4.58 -19.31 -8.92
N ALA B 74 -3.60 -19.28 -9.82
CA ALA B 74 -2.19 -19.12 -9.47
C ALA B 74 -1.93 -17.89 -8.58
N MET B 75 -1.46 -18.15 -7.36
CA MET B 75 -1.28 -17.14 -6.34
C MET B 75 0.02 -16.36 -6.63
N PRO B 76 -0.04 -15.02 -6.81
CA PRO B 76 1.16 -14.22 -7.06
C PRO B 76 2.16 -14.25 -5.89
N ARG B 77 3.45 -14.16 -6.23
CA ARG B 77 4.59 -14.33 -5.34
C ARG B 77 4.58 -13.39 -4.11
N SER B 78 4.00 -12.19 -4.25
CA SER B 78 3.80 -11.24 -3.18
C SER B 78 2.73 -11.67 -2.17
N VAL B 79 1.73 -12.46 -2.58
CA VAL B 79 0.75 -13.04 -1.66
C VAL B 79 1.40 -14.13 -0.83
N VAL B 80 2.21 -14.97 -1.47
CA VAL B 80 2.92 -16.05 -0.81
C VAL B 80 3.93 -15.50 0.20
N GLY B 81 4.64 -14.44 -0.19
CA GLY B 81 5.55 -13.73 0.67
C GLY B 81 4.85 -13.02 1.81
N THR B 82 3.69 -12.41 1.59
CA THR B 82 2.89 -11.76 2.63
C THR B 82 2.33 -12.77 3.64
N ALA B 83 1.84 -13.93 3.15
CA ALA B 83 1.37 -15.02 3.96
C ALA B 83 2.46 -15.57 4.87
N CYS B 84 3.64 -15.85 4.32
CA CYS B 84 4.79 -16.40 5.04
C CYS B 84 5.35 -15.41 6.05
N MET B 85 5.30 -14.11 5.75
CA MET B 85 5.65 -13.08 6.70
C MET B 85 4.66 -13.02 7.85
N TYR B 86 3.35 -13.16 7.59
CA TYR B 86 2.35 -13.22 8.64
C TYR B 86 2.51 -14.42 9.54
N PHE B 87 2.86 -15.57 8.96
CA PHE B 87 3.06 -16.79 9.69
C PHE B 87 4.23 -16.65 10.68
N LYS B 88 5.35 -16.09 10.19
CA LYS B 88 6.51 -15.70 10.98
C LYS B 88 6.18 -14.70 12.07
N ARG B 89 5.47 -13.63 11.74
CA ARG B 89 5.12 -12.58 12.69
C ARG B 89 4.13 -13.03 13.75
N PHE B 90 3.21 -13.92 13.41
CA PHE B 90 2.24 -14.48 14.34
C PHE B 90 2.98 -15.26 15.42
N TYR B 91 3.73 -16.27 15.00
CA TYR B 91 4.48 -17.16 15.88
C TYR B 91 5.77 -16.57 16.42
N LEU B 92 5.85 -15.26 16.44
CA LEU B 92 6.89 -14.52 17.10
C LEU B 92 6.43 -14.25 18.53
N ASN B 93 5.16 -13.87 18.71
CA ASN B 93 4.58 -13.51 20.01
C ASN B 93 3.52 -14.50 20.46
N ASN B 94 3.34 -15.60 19.73
CA ASN B 94 2.30 -16.58 19.96
C ASN B 94 2.93 -17.95 19.96
N SER B 95 2.33 -18.82 20.76
CA SER B 95 2.71 -20.21 20.92
C SER B 95 1.97 -21.02 19.86
N VAL B 96 2.70 -21.94 19.26
CA VAL B 96 2.20 -23.02 18.45
C VAL B 96 1.31 -23.99 19.25
N MET B 97 1.44 -24.01 20.59
CA MET B 97 0.57 -24.78 21.47
C MET B 97 -0.79 -24.14 21.70
N GLU B 98 -0.93 -22.83 21.49
CA GLU B 98 -2.19 -22.15 21.73
C GLU B 98 -3.06 -22.11 20.49
N TYR B 99 -2.42 -21.86 19.34
CA TYR B 99 -3.10 -21.68 18.07
C TYR B 99 -2.42 -22.64 17.13
N HIS B 100 -3.16 -23.58 16.58
CA HIS B 100 -2.57 -24.64 15.79
C HIS B 100 -2.04 -24.09 14.46
N PRO B 101 -0.77 -24.36 14.12
CA PRO B 101 -0.17 -23.77 12.93
C PRO B 101 -0.83 -24.18 11.62
N ARG B 102 -1.50 -25.33 11.54
CA ARG B 102 -2.23 -25.72 10.34
C ARG B 102 -3.41 -24.77 10.03
N ILE B 103 -4.02 -24.19 11.05
CA ILE B 103 -5.14 -23.30 10.85
C ILE B 103 -4.59 -21.90 10.58
N ILE B 104 -3.61 -21.46 11.37
CA ILE B 104 -2.96 -20.17 11.18
C ILE B 104 -2.23 -20.03 9.84
N MET B 105 -1.63 -21.09 9.33
CA MET B 105 -1.11 -21.21 7.96
C MET B 105 -2.13 -20.77 6.91
N LEU B 106 -3.35 -21.30 7.02
CA LEU B 106 -4.45 -21.02 6.12
C LEU B 106 -5.06 -19.64 6.35
N THR B 107 -5.16 -19.21 7.59
CA THR B 107 -5.60 -17.87 7.94
C THR B 107 -4.64 -16.79 7.42
N CYS B 108 -3.34 -17.06 7.47
CA CYS B 108 -2.26 -16.24 6.93
C CYS B 108 -2.35 -16.09 5.43
N ALA B 109 -2.57 -17.21 4.73
CA ALA B 109 -2.81 -17.22 3.29
C ALA B 109 -4.08 -16.48 2.92
N PHE B 110 -5.16 -16.71 3.65
CA PHE B 110 -6.46 -16.09 3.41
C PHE B 110 -6.44 -14.57 3.63
N LEU B 111 -5.82 -14.11 4.71
CA LEU B 111 -5.59 -12.70 4.96
C LEU B 111 -4.67 -12.06 3.94
N ALA B 112 -3.60 -12.75 3.52
CA ALA B 112 -2.69 -12.28 2.49
C ALA B 112 -3.37 -12.07 1.15
N CYS B 113 -4.26 -13.01 0.74
CA CYS B 113 -5.04 -12.89 -0.48
C CYS B 113 -5.88 -11.61 -0.48
N LYS B 114 -6.53 -11.32 0.64
CA LYS B 114 -7.32 -10.11 0.85
C LYS B 114 -6.45 -8.86 0.87
N VAL B 115 -5.36 -8.84 1.62
CA VAL B 115 -4.50 -7.67 1.76
C VAL B 115 -3.77 -7.28 0.45
N ASP B 116 -3.41 -8.24 -0.37
CA ASP B 116 -2.70 -8.02 -1.62
C ASP B 116 -3.62 -7.92 -2.85
N GLU B 117 -4.93 -7.82 -2.61
CA GLU B 117 -5.96 -7.59 -3.61
C GLU B 117 -6.02 -8.73 -4.64
N PHE B 118 -5.74 -9.95 -4.19
CA PHE B 118 -5.85 -11.16 -4.96
C PHE B 118 -7.23 -11.73 -4.65
N ASN B 119 -8.21 -11.27 -5.41
CA ASN B 119 -9.63 -11.41 -5.07
C ASN B 119 -10.13 -12.81 -5.40
N VAL B 120 -9.78 -13.71 -4.49
CA VAL B 120 -10.24 -15.08 -4.41
C VAL B 120 -11.45 -15.08 -3.48
N SER B 121 -12.50 -15.79 -3.87
CA SER B 121 -13.69 -16.03 -3.07
C SER B 121 -13.40 -17.15 -2.07
N SER B 122 -13.96 -17.08 -0.86
CA SER B 122 -13.88 -18.14 0.16
C SER B 122 -14.07 -19.60 -0.33
N PRO B 123 -15.09 -19.90 -1.16
CA PRO B 123 -15.18 -21.21 -1.84
C PRO B 123 -14.02 -21.59 -2.78
N GLN B 124 -13.47 -20.63 -3.55
CA GLN B 124 -12.25 -20.85 -4.32
C GLN B 124 -11.06 -21.09 -3.40
N PHE B 125 -10.99 -20.38 -2.27
CA PHE B 125 -9.92 -20.54 -1.29
C PHE B 125 -9.91 -21.96 -0.73
N VAL B 126 -10.95 -22.35 0.03
CA VAL B 126 -10.95 -23.66 0.68
C VAL B 126 -11.11 -24.84 -0.29
N GLY B 127 -11.46 -24.59 -1.55
CA GLY B 127 -11.41 -25.58 -2.62
C GLY B 127 -9.98 -26.06 -2.91
N ASN B 128 -8.95 -25.33 -2.47
CA ASN B 128 -7.55 -25.69 -2.58
C ASN B 128 -7.05 -26.56 -1.42
N LEU B 129 -7.90 -26.86 -0.43
CA LEU B 129 -7.58 -27.80 0.62
C LEU B 129 -7.94 -29.20 0.14
N ARG B 130 -6.94 -30.11 0.07
CA ARG B 130 -7.10 -31.53 -0.27
C ARG B 130 -7.82 -32.30 0.85
N GLU B 131 -9.08 -31.94 1.06
CA GLU B 131 -9.95 -32.38 2.15
C GLU B 131 -11.33 -32.67 1.58
N SER B 132 -12.09 -33.48 2.32
CA SER B 132 -13.53 -33.68 2.12
C SER B 132 -14.25 -32.33 2.22
N PRO B 133 -15.31 -32.07 1.41
CA PRO B 133 -15.99 -30.76 1.39
C PRO B 133 -16.54 -30.30 2.74
N LEU B 134 -16.95 -31.24 3.61
CA LEU B 134 -17.31 -30.95 5.00
C LEU B 134 -16.13 -30.41 5.81
N GLY B 135 -14.93 -30.90 5.51
CA GLY B 135 -13.67 -30.52 6.13
C GLY B 135 -13.22 -29.18 5.58
N GLN B 136 -13.49 -28.89 4.29
CA GLN B 136 -13.27 -27.59 3.67
C GLN B 136 -14.15 -26.51 4.30
N GLU B 137 -15.42 -26.81 4.53
CA GLU B 137 -16.34 -25.91 5.23
C GLU B 137 -16.00 -25.73 6.71
N LYS B 138 -15.59 -26.82 7.39
CA LYS B 138 -15.06 -26.78 8.75
C LYS B 138 -13.77 -25.93 8.84
N ALA B 139 -12.86 -26.13 7.88
CA ALA B 139 -11.64 -25.36 7.75
C ALA B 139 -11.89 -23.89 7.47
N LEU B 140 -12.91 -23.57 6.66
CA LEU B 140 -13.36 -22.20 6.42
C LEU B 140 -13.85 -21.53 7.70
N GLU B 141 -14.65 -22.22 8.52
CA GLU B 141 -15.12 -21.69 9.81
C GLU B 141 -13.95 -21.33 10.72
N GLN B 142 -12.97 -22.22 10.83
CA GLN B 142 -11.73 -21.98 11.56
C GLN B 142 -10.89 -20.85 10.97
N ILE B 143 -10.75 -20.78 9.65
CA ILE B 143 -10.08 -19.66 8.98
C ILE B 143 -10.71 -18.32 9.34
N LEU B 144 -12.04 -18.20 9.32
CA LEU B 144 -12.73 -16.94 9.63
C LEU B 144 -12.71 -16.62 11.12
N GLU B 145 -12.84 -17.66 11.95
CA GLU B 145 -12.70 -17.58 13.39
C GLU B 145 -11.34 -17.04 13.84
N TYR B 146 -10.25 -17.46 13.21
CA TYR B 146 -8.91 -16.99 13.52
C TYR B 146 -8.50 -15.70 12.79
N GLU B 147 -9.29 -15.16 11.86
CA GLU B 147 -8.85 -14.05 11.01
C GLU B 147 -8.60 -12.75 11.76
N LEU B 148 -9.50 -12.36 12.67
CA LEU B 148 -9.30 -11.16 13.49
C LEU B 148 -8.14 -11.34 14.46
N LEU B 149 -8.00 -12.55 15.02
CA LEU B 149 -6.88 -12.94 15.86
C LEU B 149 -5.54 -12.74 15.18
N LEU B 150 -5.41 -13.18 13.93
CA LEU B 150 -4.25 -12.88 13.11
C LEU B 150 -3.98 -11.38 13.00
N ILE B 151 -4.97 -10.59 12.59
CA ILE B 151 -4.87 -9.14 12.45
C ILE B 151 -4.48 -8.42 13.74
N GLN B 152 -5.03 -8.86 14.88
CA GLN B 152 -4.65 -8.36 16.20
C GLN B 152 -3.20 -8.70 16.56
N GLN B 153 -2.77 -9.92 16.25
CA GLN B 153 -1.42 -10.40 16.49
C GLN B 153 -0.37 -9.86 15.53
N LEU B 154 -0.79 -9.34 14.38
CA LEU B 154 0.03 -8.56 13.46
C LEU B 154 0.08 -7.09 13.86
N ASN B 155 -0.65 -6.70 14.90
CA ASN B 155 -0.81 -5.34 15.42
C ASN B 155 -1.43 -4.43 14.37
N PHE B 156 -2.25 -5.01 13.48
CA PHE B 156 -2.93 -4.36 12.36
C PHE B 156 -1.97 -3.90 11.26
N HIS B 157 -0.70 -4.33 11.28
CA HIS B 157 0.33 -3.97 10.33
C HIS B 157 0.30 -5.00 9.21
N LEU B 158 -0.47 -4.72 8.16
CA LEU B 158 -0.80 -5.71 7.16
C LEU B 158 0.05 -5.63 5.90
N ILE B 159 0.60 -4.47 5.55
CA ILE B 159 1.44 -4.35 4.36
C ILE B 159 2.80 -5.00 4.63
N VAL B 160 3.22 -5.89 3.74
CA VAL B 160 4.48 -6.56 3.81
C VAL B 160 5.27 -6.17 2.57
N HIS B 161 6.51 -5.77 2.81
CA HIS B 161 7.49 -5.48 1.80
C HIS B 161 8.37 -6.71 1.66
N ASN B 162 8.21 -7.35 0.52
CA ASN B 162 8.99 -8.50 0.11
C ASN B 162 10.20 -8.06 -0.70
N PRO B 163 11.24 -8.92 -0.77
CA PRO B 163 12.41 -8.65 -1.59
C PRO B 163 12.18 -8.64 -3.12
N TYR B 164 11.03 -9.14 -3.60
CA TYR B 164 10.80 -9.42 -5.02
C TYR B 164 10.85 -8.19 -5.91
N ARG B 165 10.18 -7.11 -5.51
CA ARG B 165 10.22 -5.86 -6.25
C ARG B 165 11.57 -5.12 -6.20
N PRO B 166 12.23 -5.01 -5.01
CA PRO B 166 13.62 -4.55 -4.96
C PRO B 166 14.60 -5.37 -5.79
N PHE B 167 14.38 -6.67 -5.88
CA PHE B 167 15.14 -7.54 -6.74
C PHE B 167 15.03 -7.17 -8.23
N GLU B 168 13.81 -6.92 -8.73
CA GLU B 168 13.58 -6.37 -10.07
C GLU B 168 14.23 -5.01 -10.29
N GLY B 169 14.25 -4.16 -9.26
CA GLY B 169 14.81 -2.83 -9.32
C GLY B 169 16.33 -2.86 -9.46
N PHE B 170 16.99 -3.72 -8.70
CA PHE B 170 18.41 -4.01 -8.86
C PHE B 170 18.74 -4.64 -10.19
N LEU B 171 17.92 -5.57 -10.68
CA LEU B 171 18.12 -6.13 -12.01
C LEU B 171 17.96 -5.11 -13.14
N ILE B 172 17.11 -4.08 -12.98
CA ILE B 172 17.06 -2.94 -13.90
C ILE B 172 18.33 -2.09 -13.78
N ASP B 173 18.72 -1.76 -12.55
CA ASP B 173 19.86 -0.89 -12.23
C ASP B 173 21.21 -1.45 -12.70
N LEU B 174 21.40 -2.77 -12.57
CA LEU B 174 22.54 -3.52 -13.05
C LEU B 174 22.69 -3.36 -14.56
N LYS B 175 21.59 -3.53 -15.30
CA LYS B 175 21.59 -3.46 -16.75
C LYS B 175 21.95 -2.06 -17.28
N THR B 176 21.39 -1.04 -16.66
CA THR B 176 21.58 0.33 -17.10
C THR B 176 22.90 0.95 -16.59
N ARG B 177 23.29 0.73 -15.32
CA ARG B 177 24.46 1.39 -14.74
C ARG B 177 25.70 0.52 -14.59
N TYR B 178 25.63 -0.81 -14.73
CA TYR B 178 26.76 -1.66 -14.43
C TYR B 178 27.07 -2.61 -15.61
N PRO B 179 27.60 -2.06 -16.73
CA PRO B 179 27.86 -2.83 -17.95
C PRO B 179 29.04 -3.81 -17.86
N ILE B 180 29.76 -3.84 -16.74
CA ILE B 180 30.79 -4.83 -16.45
C ILE B 180 30.15 -6.24 -16.30
N LEU B 181 28.93 -6.29 -15.75
CA LEU B 181 28.09 -7.47 -15.71
C LEU B 181 27.21 -7.39 -16.95
N GLU B 182 27.68 -7.96 -18.04
CA GLU B 182 26.91 -8.05 -19.26
C GLU B 182 25.95 -9.26 -19.13
N ASN B 183 24.66 -9.01 -19.30
CA ASN B 183 23.56 -9.93 -19.06
C ASN B 183 23.38 -10.32 -17.57
N PRO B 184 22.98 -9.39 -16.69
CA PRO B 184 22.64 -9.72 -15.30
C PRO B 184 21.49 -10.73 -15.09
N GLU B 185 20.67 -10.97 -16.12
CA GLU B 185 19.64 -12.02 -16.09
C GLU B 185 20.18 -13.45 -15.98
N ILE B 186 21.49 -13.67 -16.18
CA ILE B 186 22.14 -14.93 -15.77
C ILE B 186 22.12 -15.12 -14.25
N LEU B 187 22.11 -14.02 -13.48
CA LEU B 187 22.05 -14.06 -12.04
C LEU B 187 20.65 -14.43 -11.53
N ARG B 188 19.59 -14.26 -12.33
CA ARG B 188 18.22 -14.30 -11.84
C ARG B 188 17.82 -15.62 -11.18
N LYS B 189 18.07 -16.74 -11.85
CA LYS B 189 17.67 -18.07 -11.39
C LYS B 189 18.33 -18.42 -10.06
N THR B 190 19.64 -18.24 -9.98
CA THR B 190 20.44 -18.54 -8.80
C THR B 190 20.25 -17.50 -7.68
N ALA B 191 19.83 -16.28 -8.01
CA ALA B 191 19.47 -15.27 -7.04
C ALA B 191 18.08 -15.54 -6.46
N ASP B 192 17.14 -16.04 -7.28
CA ASP B 192 15.83 -16.53 -6.86
C ASP B 192 15.97 -17.73 -5.93
N ASP B 193 16.85 -18.68 -6.26
CA ASP B 193 17.22 -19.80 -5.39
C ASP B 193 17.66 -19.34 -4.01
N PHE B 194 18.58 -18.36 -3.94
CA PHE B 194 19.00 -17.78 -2.66
C PHE B 194 17.87 -17.06 -1.94
N LEU B 195 16.98 -16.39 -2.68
CA LEU B 195 15.83 -15.68 -2.15
C LEU B 195 14.82 -16.63 -1.51
N ASN B 196 14.61 -17.80 -2.12
CA ASN B 196 13.82 -18.89 -1.57
C ASN B 196 14.47 -19.50 -0.33
N ARG B 197 15.81 -19.59 -0.27
CA ARG B 197 16.52 -20.08 0.91
C ARG B 197 16.43 -19.10 2.08
N ILE B 198 16.67 -17.83 1.83
CA ILE B 198 16.70 -16.80 2.87
C ILE B 198 15.31 -16.55 3.48
N ALA B 199 14.25 -16.83 2.72
CA ALA B 199 12.87 -16.82 3.19
C ALA B 199 12.55 -17.90 4.24
N LEU B 200 13.34 -18.97 4.32
CA LEU B 200 13.17 -20.03 5.31
C LEU B 200 13.74 -19.65 6.67
N THR B 201 14.69 -18.71 6.66
CA THR B 201 15.39 -18.23 7.84
C THR B 201 14.58 -17.11 8.52
N ASP B 202 15.16 -16.45 9.51
CA ASP B 202 14.59 -15.27 10.14
C ASP B 202 14.96 -13.96 9.47
N ALA B 203 15.67 -13.98 8.34
CA ALA B 203 16.13 -12.81 7.61
C ALA B 203 15.08 -11.73 7.35
N TYR B 204 13.87 -12.14 6.97
CA TYR B 204 12.76 -11.25 6.69
C TYR B 204 12.32 -10.43 7.90
N LEU B 205 12.68 -10.85 9.11
CA LEU B 205 12.45 -10.12 10.35
C LEU B 205 13.69 -9.36 10.79
N LEU B 206 14.82 -9.47 10.09
CA LEU B 206 16.10 -8.93 10.55
C LEU B 206 16.69 -7.90 9.61
N TYR B 207 16.39 -8.00 8.31
CA TYR B 207 17.00 -7.19 7.28
C TYR B 207 15.91 -6.50 6.50
N THR B 208 16.28 -5.46 5.77
CA THR B 208 15.37 -4.81 4.86
C THR B 208 15.20 -5.68 3.61
N PRO B 209 14.04 -5.65 2.95
CA PRO B 209 13.85 -6.36 1.68
C PRO B 209 14.84 -5.95 0.57
N SER B 210 15.31 -4.69 0.54
CA SER B 210 16.42 -4.28 -0.32
C SER B 210 17.76 -4.96 0.01
N GLN B 211 18.12 -5.06 1.29
CA GLN B 211 19.30 -5.81 1.71
C GLN B 211 19.24 -7.28 1.35
N ILE B 212 18.07 -7.89 1.53
CA ILE B 212 17.79 -9.26 1.17
C ILE B 212 17.91 -9.52 -0.34
N ALA B 213 17.33 -8.63 -1.13
CA ALA B 213 17.41 -8.64 -2.59
C ALA B 213 18.84 -8.44 -3.11
N LEU B 214 19.59 -7.50 -2.53
CA LEU B 214 20.97 -7.26 -2.87
C LEU B 214 21.86 -8.45 -2.53
N THR B 215 21.74 -9.00 -1.32
CA THR B 215 22.44 -10.21 -0.89
C THR B 215 22.23 -11.35 -1.86
N ALA B 216 20.99 -11.59 -2.28
CA ALA B 216 20.64 -12.62 -3.24
C ALA B 216 21.29 -12.43 -4.59
N ILE B 217 21.32 -11.19 -5.10
CA ILE B 217 22.00 -10.84 -6.33
C ILE B 217 23.52 -11.03 -6.22
N LEU B 218 24.15 -10.46 -5.20
CA LEU B 218 25.59 -10.55 -5.03
C LEU B 218 26.07 -11.97 -4.75
N SER B 219 25.27 -12.79 -4.06
CA SER B 219 25.56 -14.20 -3.81
C SER B 219 25.45 -15.04 -5.08
N SER B 220 24.54 -14.67 -5.98
CA SER B 220 24.45 -15.27 -7.31
C SER B 220 25.68 -14.91 -8.16
N ALA B 221 26.12 -13.66 -8.07
CA ALA B 221 27.31 -13.16 -8.72
C ALA B 221 28.59 -13.79 -8.19
N SER B 222 28.75 -13.91 -6.88
CA SER B 222 29.91 -14.57 -6.30
C SER B 222 29.93 -16.07 -6.63
N ARG B 223 28.76 -16.72 -6.65
CA ARG B 223 28.59 -18.08 -7.14
C ARG B 223 28.90 -18.24 -8.64
N ALA B 224 28.85 -17.15 -9.41
CA ALA B 224 29.16 -17.12 -10.85
C ALA B 224 30.62 -16.75 -11.11
N GLY B 225 31.39 -16.40 -10.08
CA GLY B 225 32.75 -15.90 -10.20
C GLY B 225 32.80 -14.42 -10.60
N ILE B 226 31.70 -13.69 -10.51
CA ILE B 226 31.62 -12.27 -10.87
C ILE B 226 31.83 -11.44 -9.60
N THR B 227 32.83 -10.55 -9.61
CA THR B 227 32.96 -9.54 -8.55
C THR B 227 31.99 -8.39 -8.87
N MET B 228 31.39 -7.83 -7.81
CA MET B 228 30.42 -6.76 -7.90
C MET B 228 30.70 -5.69 -6.85
N GLU B 229 31.93 -5.63 -6.33
CA GLU B 229 32.33 -4.60 -5.37
C GLU B 229 32.27 -3.21 -6.01
N SER B 230 32.61 -3.12 -7.31
CA SER B 230 32.52 -1.89 -8.08
C SER B 230 31.07 -1.42 -8.28
N TYR B 231 30.10 -2.34 -8.28
CA TYR B 231 28.70 -1.94 -8.27
C TYR B 231 28.34 -1.24 -6.94
N LEU B 232 28.79 -1.82 -5.83
CA LEU B 232 28.58 -1.25 -4.52
C LEU B 232 29.32 0.08 -4.34
N SER B 233 30.61 0.12 -4.64
CA SER B 233 31.42 1.31 -4.43
C SER B 233 31.14 2.42 -5.45
N GLU B 234 31.18 2.13 -6.75
CA GLU B 234 31.07 3.16 -7.76
C GLU B 234 29.61 3.47 -8.08
N SER B 235 28.83 2.47 -8.49
CA SER B 235 27.44 2.69 -8.89
C SER B 235 26.56 3.11 -7.70
N LEU B 236 26.59 2.38 -6.59
CA LEU B 236 25.78 2.74 -5.41
C LEU B 236 26.41 3.86 -4.56
N MET B 237 27.53 4.43 -5.02
CA MET B 237 28.26 5.58 -4.48
C MET B 237 28.99 5.34 -3.16
N LEU B 238 29.04 4.08 -2.69
CA LEU B 238 29.65 3.70 -1.41
C LEU B 238 31.18 3.88 -1.34
N LYS B 239 31.82 4.30 -2.43
CA LYS B 239 33.18 4.87 -2.44
C LYS B 239 33.31 6.13 -1.57
N GLU B 240 32.23 6.93 -1.45
CA GLU B 240 32.23 8.17 -0.68
C GLU B 240 31.97 7.97 0.81
N ASN B 241 31.43 6.81 1.19
CA ASN B 241 30.97 6.48 2.52
C ASN B 241 31.31 5.03 2.82
N ARG B 242 32.60 4.77 3.01
CA ARG B 242 33.20 3.48 3.37
C ARG B 242 32.57 2.84 4.61
N THR B 243 32.18 3.68 5.58
CA THR B 243 31.45 3.31 6.79
C THR B 243 30.03 2.78 6.53
N CYS B 244 29.49 3.04 5.34
CA CYS B 244 28.25 2.49 4.87
C CYS B 244 28.54 1.23 4.03
N LEU B 245 29.64 1.22 3.25
CA LEU B 245 30.08 0.02 2.53
C LEU B 245 30.36 -1.14 3.49
N SER B 246 31.02 -0.85 4.62
CA SER B 246 31.33 -1.81 5.66
C SER B 246 30.04 -2.44 6.23
N GLN B 247 29.13 -1.59 6.71
CA GLN B 247 27.80 -1.96 7.22
C GLN B 247 27.00 -2.86 6.27
N LEU B 248 26.99 -2.47 4.99
CA LEU B 248 26.33 -3.22 3.95
C LEU B 248 26.96 -4.58 3.70
N LEU B 249 28.30 -4.64 3.61
CA LEU B 249 29.00 -5.90 3.45
C LEU B 249 28.86 -6.82 4.68
N ASP B 250 28.85 -6.26 5.89
CA ASP B 250 28.53 -6.93 7.14
C ASP B 250 27.13 -7.55 7.14
N ILE B 251 26.10 -6.76 6.81
CA ILE B 251 24.73 -7.23 6.61
C ILE B 251 24.61 -8.40 5.64
N MET B 252 25.25 -8.30 4.48
CA MET B 252 25.21 -9.36 3.48
C MET B 252 25.95 -10.61 3.91
N LYS B 253 27.05 -10.42 4.64
CA LYS B 253 27.83 -11.47 5.27
C LYS B 253 27.01 -12.20 6.36
N SER B 254 26.39 -11.45 7.28
CA SER B 254 25.59 -12.00 8.35
C SER B 254 24.34 -12.73 7.84
N MET B 255 23.74 -12.21 6.78
CA MET B 255 22.63 -12.80 6.08
C MET B 255 22.98 -14.10 5.36
N ARG B 256 24.14 -14.18 4.72
CA ARG B 256 24.65 -15.42 4.15
C ARG B 256 24.98 -16.47 5.22
N ASN B 257 25.51 -16.04 6.37
CA ASN B 257 25.83 -16.94 7.48
C ASN B 257 24.57 -17.48 8.15
N LEU B 258 23.53 -16.65 8.20
CA LEU B 258 22.19 -16.96 8.61
C LEU B 258 21.46 -17.96 7.68
N VAL B 259 21.82 -18.03 6.39
CA VAL B 259 21.42 -19.16 5.52
C VAL B 259 22.25 -20.41 5.81
N LYS B 260 23.57 -20.29 5.99
CA LYS B 260 24.43 -21.45 6.24
C LYS B 260 24.09 -22.19 7.54
N LYS B 261 23.74 -21.45 8.59
CA LYS B 261 23.35 -22.00 9.88
C LYS B 261 21.90 -22.51 9.89
N TYR B 262 21.14 -22.37 8.80
CA TYR B 262 19.80 -22.92 8.71
C TYR B 262 19.85 -24.43 8.59
N GLU B 263 19.06 -25.10 9.43
CA GLU B 263 18.87 -26.55 9.40
C GLU B 263 17.36 -26.73 9.18
N PRO B 264 16.96 -27.45 8.11
CA PRO B 264 15.55 -27.82 7.89
C PRO B 264 14.88 -28.58 9.05
N PRO B 265 13.53 -28.56 9.10
CA PRO B 265 12.78 -29.37 10.06
C PRO B 265 12.83 -30.86 9.65
N ARG B 266 13.52 -31.67 10.44
CA ARG B 266 13.82 -33.07 10.12
C ARG B 266 12.55 -33.93 10.22
N SER B 267 12.27 -34.77 9.23
CA SER B 267 11.02 -35.51 9.06
C SER B 267 10.62 -36.41 10.24
N GLU B 268 11.60 -37.07 10.87
CA GLU B 268 11.36 -37.89 12.05
C GLU B 268 11.27 -37.06 13.34
N GLU B 269 11.96 -35.92 13.39
CA GLU B 269 11.79 -34.94 14.48
C GLU B 269 10.36 -34.39 14.46
N VAL B 270 9.93 -33.87 13.31
CA VAL B 270 8.61 -33.30 13.09
C VAL B 270 7.48 -34.30 13.38
N ALA B 271 7.65 -35.57 12.95
CA ALA B 271 6.67 -36.62 13.15
C ALA B 271 6.34 -36.87 14.62
N VAL B 272 7.31 -36.66 15.51
CA VAL B 272 7.15 -36.72 16.95
C VAL B 272 6.55 -35.42 17.50
N LEU B 273 7.08 -34.27 17.06
CA LEU B 273 6.63 -32.96 17.51
C LEU B 273 5.18 -32.66 17.16
N LYS B 274 4.71 -33.13 15.99
CA LYS B 274 3.32 -33.05 15.59
C LYS B 274 2.39 -33.81 16.52
N GLN B 275 2.79 -34.99 17.01
CA GLN B 275 2.01 -35.75 17.97
C GLN B 275 1.91 -35.02 19.32
N LYS B 276 3.00 -34.39 19.73
CA LYS B 276 3.03 -33.58 20.95
C LYS B 276 2.17 -32.32 20.80
N LEU B 277 2.20 -31.71 19.61
CA LEU B 277 1.38 -30.58 19.22
C LEU B 277 -0.11 -30.90 19.24
N GLU B 278 -0.47 -32.03 18.63
CA GLU B 278 -1.80 -32.60 18.63
C GLU B 278 -2.26 -32.98 20.05
N ARG B 279 -1.43 -33.65 20.84
CA ARG B 279 -1.71 -33.94 22.25
C ARG B 279 -1.97 -32.68 23.08
N CYS B 280 -1.18 -31.63 22.85
CA CYS B 280 -1.34 -30.34 23.50
C CYS B 280 -2.65 -29.64 23.05
N HIS B 281 -3.08 -29.86 21.80
CA HIS B 281 -4.34 -29.33 21.27
C HIS B 281 -5.57 -30.10 21.74
N SER B 282 -5.46 -31.43 21.85
CA SER B 282 -6.47 -32.28 22.45
C SER B 282 -6.71 -31.92 23.92
N ALA B 283 -5.62 -31.70 24.66
CA ALA B 283 -5.65 -31.32 26.07
C ALA B 283 -5.40 -29.82 26.24
N GLU B 284 -6.02 -28.98 25.40
CA GLU B 284 -5.80 -27.51 25.35
C GLU B 284 -6.49 -26.83 26.51
N LYS C 55 -12.15 -0.64 22.72
CA LYS C 55 -13.04 -0.79 23.92
C LYS C 55 -12.74 0.29 24.99
N ARG C 56 -11.84 1.25 24.71
CA ARG C 56 -11.51 2.41 25.56
C ARG C 56 -12.32 3.64 25.15
N TYR C 57 -13.43 3.42 24.43
CA TYR C 57 -14.13 4.43 23.64
C TYR C 57 -15.60 4.52 24.06
N GLU C 58 -15.96 5.68 24.61
CA GLU C 58 -17.31 6.01 25.03
C GLU C 58 -18.00 6.66 23.84
N LYS C 59 -19.09 6.08 23.35
CA LYS C 59 -19.81 6.54 22.17
C LYS C 59 -20.65 7.77 22.50
N LEU C 60 -20.34 8.88 21.84
CA LEU C 60 -21.02 10.17 21.96
C LEU C 60 -22.20 10.19 21.00
N ASP C 61 -21.94 10.48 19.72
CA ASP C 61 -22.94 10.80 18.71
C ASP C 61 -22.82 9.82 17.56
N PHE C 62 -23.82 9.77 16.69
CA PHE C 62 -23.82 9.05 15.44
C PHE C 62 -23.51 10.03 14.32
N LEU C 63 -22.51 9.74 13.49
CA LEU C 63 -22.01 10.67 12.48
C LEU C 63 -22.41 10.30 11.07
N GLY C 64 -22.86 9.07 10.82
CA GLY C 64 -23.30 8.71 9.50
C GLY C 64 -23.25 7.21 9.35
N GLU C 65 -23.89 6.72 8.29
CA GLU C 65 -23.89 5.34 7.87
C GLU C 65 -23.63 5.34 6.36
N GLY C 66 -22.89 4.34 5.91
CA GLY C 66 -22.64 4.06 4.51
C GLY C 66 -22.62 2.53 4.39
N GLN C 67 -22.45 2.05 3.15
CA GLN C 67 -22.57 0.65 2.73
C GLN C 67 -21.88 -0.38 3.64
N PHE C 68 -20.67 -0.04 4.09
CA PHE C 68 -19.80 -0.96 4.83
C PHE C 68 -19.76 -0.63 6.32
N ALA C 69 -20.20 0.55 6.75
CA ALA C 69 -19.89 1.02 8.10
C ALA C 69 -20.90 2.03 8.60
N THR C 70 -20.99 2.10 9.91
CA THR C 70 -21.60 3.18 10.66
C THR C 70 -20.46 3.92 11.38
N VAL C 71 -20.54 5.25 11.44
CA VAL C 71 -19.52 6.06 12.07
C VAL C 71 -20.15 6.78 13.27
N TYR C 72 -19.41 6.83 14.37
CA TYR C 72 -19.82 7.45 15.61
C TYR C 72 -18.69 8.33 16.09
N LYS C 73 -19.08 9.44 16.70
CA LYS C 73 -18.18 10.25 17.50
C LYS C 73 -18.02 9.51 18.83
N ALA C 74 -16.80 9.42 19.34
CA ALA C 74 -16.52 8.79 20.60
C ALA C 74 -15.48 9.60 21.34
N ARG C 75 -15.45 9.44 22.64
CA ARG C 75 -14.39 9.93 23.49
C ARG C 75 -13.48 8.75 23.77
N ASP C 76 -12.19 8.92 23.51
CA ASP C 76 -11.14 8.03 23.97
C ASP C 76 -10.97 8.27 25.47
N LYS C 77 -11.34 7.31 26.33
CA LYS C 77 -11.31 7.47 27.79
C LYS C 77 -9.87 7.60 28.32
N ASN C 78 -8.90 7.05 27.58
CA ASN C 78 -7.49 7.01 27.97
C ASN C 78 -6.78 8.36 27.78
N THR C 79 -7.44 9.34 27.14
CA THR C 79 -6.83 10.64 26.87
C THR C 79 -7.85 11.80 26.81
N ASN C 80 -9.14 11.52 26.60
CA ASN C 80 -10.22 12.48 26.39
C ASN C 80 -10.02 13.22 25.05
N GLN C 81 -9.69 12.43 24.03
CA GLN C 81 -9.65 12.87 22.65
C GLN C 81 -10.99 12.48 22.05
N ILE C 82 -11.52 13.32 21.17
CA ILE C 82 -12.70 13.02 20.39
C ILE C 82 -12.20 12.35 19.10
N VAL C 83 -12.74 11.19 18.82
CA VAL C 83 -12.35 10.37 17.70
C VAL C 83 -13.62 9.98 16.97
N ALA C 84 -13.51 9.62 15.71
CA ALA C 84 -14.59 9.01 14.97
C ALA C 84 -14.30 7.53 14.89
N ILE C 85 -15.16 6.69 15.42
CA ILE C 85 -15.05 5.25 15.30
C ILE C 85 -15.93 4.87 14.12
N LYS C 86 -15.34 4.21 13.14
CA LYS C 86 -16.03 3.64 12.00
C LYS C 86 -16.17 2.16 12.36
N LYS C 87 -17.38 1.74 12.71
CA LYS C 87 -17.66 0.35 13.03
C LYS C 87 -18.21 -0.30 11.78
N ILE C 88 -17.55 -1.38 11.37
CA ILE C 88 -17.81 -2.04 10.10
C ILE C 88 -19.00 -3.00 10.30
N LYS C 89 -19.93 -2.96 9.35
CA LYS C 89 -21.10 -3.82 9.28
C LYS C 89 -20.75 -5.14 8.58
N LEU C 90 -21.60 -6.15 8.79
CA LEU C 90 -21.79 -7.29 7.87
C LEU C 90 -23.27 -7.31 7.53
N ALA C 96 -20.98 -12.62 5.24
CA ALA C 96 -21.35 -14.04 5.39
C ALA C 96 -20.33 -14.93 4.62
N LYS C 97 -19.57 -15.72 5.38
CA LYS C 97 -18.53 -16.67 4.94
C LYS C 97 -17.36 -16.10 4.12
N ASP C 98 -17.24 -14.77 4.02
CA ASP C 98 -16.13 -14.09 3.35
C ASP C 98 -15.14 -13.51 4.38
N GLY C 99 -15.50 -13.52 5.66
CA GLY C 99 -14.64 -13.03 6.72
C GLY C 99 -14.75 -11.51 6.82
N ILE C 100 -13.68 -10.86 7.26
CA ILE C 100 -13.63 -9.42 7.45
C ILE C 100 -13.67 -8.71 6.10
N ASN C 101 -14.49 -7.66 6.03
CA ASN C 101 -14.76 -6.88 4.84
C ASN C 101 -13.48 -6.26 4.26
N ARG C 102 -13.25 -6.45 2.96
CA ARG C 102 -12.08 -5.94 2.27
C ARG C 102 -11.95 -4.43 2.29
N THR C 103 -13.06 -3.68 2.30
CA THR C 103 -13.05 -2.23 2.37
C THR C 103 -12.45 -1.72 3.69
N ALA C 104 -12.76 -2.42 4.79
CA ALA C 104 -12.15 -2.20 6.09
C ALA C 104 -10.66 -2.54 6.07
N LEU C 105 -10.29 -3.68 5.47
CA LEU C 105 -8.90 -4.10 5.39
C LEU C 105 -8.06 -3.21 4.49
N ARG C 106 -8.66 -2.67 3.42
CA ARG C 106 -8.06 -1.73 2.52
C ARG C 106 -7.72 -0.42 3.23
N GLU C 107 -8.65 0.05 4.04
CA GLU C 107 -8.49 1.24 4.84
C GLU C 107 -7.44 1.02 5.94
N ILE C 108 -7.51 -0.11 6.66
CA ILE C 108 -6.51 -0.51 7.64
C ILE C 108 -5.11 -0.65 7.04
N LYS C 109 -4.94 -1.41 5.97
CA LYS C 109 -3.62 -1.67 5.42
C LYS C 109 -2.96 -0.40 4.91
N LEU C 110 -3.68 0.47 4.20
CA LEU C 110 -3.11 1.67 3.62
C LEU C 110 -2.86 2.76 4.65
N LEU C 111 -3.79 2.99 5.58
CA LEU C 111 -3.64 4.08 6.52
C LEU C 111 -2.66 3.79 7.66
N GLN C 112 -2.22 2.55 7.81
CA GLN C 112 -1.14 2.17 8.71
C GLN C 112 0.24 2.56 8.19
N GLU C 113 0.34 2.81 6.89
CA GLU C 113 1.58 3.08 6.18
C GLU C 113 1.75 4.53 5.76
N LEU C 114 0.78 5.38 6.10
CA LEU C 114 0.75 6.77 5.69
C LEU C 114 0.68 7.62 6.93
N SER C 115 1.44 8.72 6.95
CA SER C 115 1.45 9.65 8.04
C SER C 115 1.74 11.01 7.42
N HIS C 116 0.69 11.80 7.20
CA HIS C 116 0.80 13.11 6.61
C HIS C 116 -0.32 13.96 7.20
N PRO C 117 -0.07 15.25 7.53
CA PRO C 117 -1.11 16.18 8.01
C PRO C 117 -2.44 16.19 7.28
N ASN C 118 -2.41 15.96 5.96
CA ASN C 118 -3.57 16.05 5.08
C ASN C 118 -4.02 14.68 4.60
N ILE C 119 -3.74 13.63 5.35
CA ILE C 119 -4.37 12.33 5.21
C ILE C 119 -4.89 11.93 6.60
N ILE C 120 -6.09 11.39 6.65
CA ILE C 120 -6.74 10.91 7.86
C ILE C 120 -5.88 9.86 8.60
N GLY C 121 -5.63 10.12 9.87
CA GLY C 121 -4.89 9.25 10.74
C GLY C 121 -5.84 8.17 11.23
N LEU C 122 -5.43 6.91 11.06
CA LEU C 122 -6.04 5.75 11.68
C LEU C 122 -5.34 5.64 13.03
N LEU C 123 -6.05 6.05 14.09
CA LEU C 123 -5.48 6.18 15.43
C LEU C 123 -5.37 4.82 16.15
N ASP C 124 -6.24 3.88 15.81
CA ASP C 124 -6.40 2.61 16.48
C ASP C 124 -7.35 1.76 15.62
N ALA C 125 -7.34 0.46 15.82
CA ALA C 125 -8.31 -0.46 15.25
C ALA C 125 -8.41 -1.65 16.21
N PHE C 126 -9.59 -2.28 16.23
CA PHE C 126 -9.95 -3.35 17.16
C PHE C 126 -11.21 -4.03 16.61
N GLY C 127 -11.74 -5.04 17.29
CA GLY C 127 -12.98 -5.66 16.82
C GLY C 127 -13.30 -6.92 17.61
N HIS C 128 -14.38 -7.57 17.20
CA HIS C 128 -14.83 -8.92 17.55
C HIS C 128 -15.08 -9.72 16.26
N LYS C 129 -15.50 -10.98 16.38
CA LYS C 129 -15.57 -12.01 15.32
C LYS C 129 -16.12 -11.57 13.94
N SER C 130 -15.22 -11.07 13.09
CA SER C 130 -15.47 -10.50 11.75
C SER C 130 -16.11 -9.11 11.72
N ASN C 131 -16.35 -8.48 12.89
CA ASN C 131 -16.82 -7.11 13.01
C ASN C 131 -15.70 -6.26 13.64
N ILE C 132 -14.89 -5.70 12.74
CA ILE C 132 -13.76 -4.84 13.06
C ILE C 132 -14.25 -3.37 13.14
N SER C 133 -13.52 -2.52 13.85
CA SER C 133 -13.82 -1.10 13.96
C SER C 133 -12.52 -0.30 14.02
N LEU C 134 -12.52 0.80 13.27
CA LEU C 134 -11.38 1.63 12.93
C LEU C 134 -11.59 2.98 13.60
N VAL C 135 -10.60 3.51 14.29
CA VAL C 135 -10.69 4.76 15.03
C VAL C 135 -9.88 5.82 14.30
N PHE C 136 -10.49 6.96 14.04
CA PHE C 136 -9.89 8.03 13.28
C PHE C 136 -9.89 9.30 14.09
N ASP C 137 -9.09 10.25 13.62
CA ASP C 137 -9.20 11.68 13.91
C ASP C 137 -10.65 12.13 13.64
N PHE C 138 -11.29 12.79 14.60
CA PHE C 138 -12.60 13.35 14.38
C PHE C 138 -12.48 14.63 13.54
N MET C 139 -13.24 14.68 12.45
CA MET C 139 -13.29 15.79 11.54
C MET C 139 -14.67 16.41 11.69
N GLU C 140 -14.77 17.73 11.81
CA GLU C 140 -16.05 18.36 12.06
C GLU C 140 -16.94 18.50 10.82
N THR C 141 -16.35 18.60 9.63
CA THR C 141 -17.06 18.89 8.41
C THR C 141 -16.30 18.32 7.22
N ASP C 142 -16.86 18.47 6.02
CA ASP C 142 -16.23 18.12 4.77
C ASP C 142 -16.38 19.29 3.82
N LEU C 143 -15.65 19.21 2.73
CA LEU C 143 -15.65 20.22 1.70
C LEU C 143 -17.00 20.33 0.98
N GLU C 144 -17.79 19.24 0.92
CA GLU C 144 -19.13 19.27 0.34
C GLU C 144 -20.08 20.19 1.13
N VAL C 145 -19.99 20.16 2.45
CA VAL C 145 -20.73 21.05 3.33
C VAL C 145 -20.30 22.51 3.18
N ILE C 146 -19.00 22.79 3.03
CA ILE C 146 -18.50 24.12 2.67
C ILE C 146 -19.01 24.61 1.30
N ILE C 147 -18.96 23.74 0.28
CA ILE C 147 -19.39 24.06 -1.07
C ILE C 147 -20.90 24.35 -1.14
N LYS C 148 -21.70 23.54 -0.44
CA LYS C 148 -23.15 23.66 -0.43
C LYS C 148 -23.68 24.75 0.51
N ASP C 149 -22.89 25.21 1.48
CA ASP C 149 -23.32 26.21 2.45
C ASP C 149 -23.27 27.59 1.81
N ASN C 150 -24.39 27.99 1.23
CA ASN C 150 -24.63 29.28 0.57
C ASN C 150 -24.37 30.51 1.46
N SER C 151 -24.23 30.34 2.79
CA SER C 151 -23.82 31.42 3.67
C SER C 151 -22.30 31.67 3.67
N LEU C 152 -21.48 30.67 3.29
CA LEU C 152 -20.03 30.81 3.24
C LEU C 152 -19.60 31.42 1.91
N VAL C 153 -18.70 32.40 1.96
CA VAL C 153 -17.99 32.89 0.79
C VAL C 153 -16.66 32.15 0.66
N LEU C 154 -16.48 31.44 -0.45
CA LEU C 154 -15.23 30.84 -0.86
C LEU C 154 -14.46 31.90 -1.63
N THR C 155 -13.64 32.67 -0.90
CA THR C 155 -12.69 33.60 -1.48
C THR C 155 -11.61 32.84 -2.28
N PRO C 156 -10.89 33.53 -3.19
CA PRO C 156 -9.75 32.92 -3.85
C PRO C 156 -8.67 32.33 -2.93
N SER C 157 -8.39 32.93 -1.77
CA SER C 157 -7.49 32.41 -0.77
C SER C 157 -7.99 31.14 -0.07
N HIS C 158 -9.31 31.02 0.11
CA HIS C 158 -9.95 29.82 0.67
C HIS C 158 -9.81 28.66 -0.29
N ILE C 159 -10.08 28.92 -1.56
CA ILE C 159 -9.95 27.96 -2.63
C ILE C 159 -8.49 27.53 -2.81
N LYS C 160 -7.55 28.48 -2.65
CA LYS C 160 -6.13 28.23 -2.69
C LYS C 160 -5.71 27.30 -1.54
N ALA C 161 -6.11 27.61 -0.32
CA ALA C 161 -5.89 26.80 0.87
C ALA C 161 -6.42 25.37 0.77
N TYR C 162 -7.67 25.20 0.36
CA TYR C 162 -8.28 23.89 0.15
C TYR C 162 -7.58 23.07 -0.92
N MET C 163 -7.21 23.70 -2.03
CA MET C 163 -6.44 23.09 -3.09
C MET C 163 -5.03 22.70 -2.70
N LEU C 164 -4.37 23.58 -1.97
CA LEU C 164 -3.04 23.38 -1.48
C LEU C 164 -2.95 22.15 -0.56
N MET C 165 -3.83 22.09 0.45
CA MET C 165 -3.90 20.95 1.36
C MET C 165 -4.28 19.64 0.69
N THR C 166 -5.20 19.68 -0.28
CA THR C 166 -5.56 18.51 -1.06
C THR C 166 -4.36 17.97 -1.84
N LEU C 167 -3.65 18.86 -2.55
CA LEU C 167 -2.52 18.51 -3.38
C LEU C 167 -1.30 18.07 -2.57
N GLN C 168 -1.13 18.59 -1.36
CA GLN C 168 -0.10 18.14 -0.44
C GLN C 168 -0.36 16.71 0.03
N GLY C 169 -1.59 16.43 0.47
CA GLY C 169 -2.04 15.09 0.83
C GLY C 169 -1.91 14.14 -0.33
N LEU C 170 -2.31 14.57 -1.53
CA LEU C 170 -2.26 13.78 -2.72
C LEU C 170 -0.84 13.60 -3.28
N GLU C 171 0.06 14.58 -3.10
CA GLU C 171 1.47 14.46 -3.43
C GLU C 171 2.14 13.37 -2.61
N TYR C 172 1.93 13.43 -1.29
CA TYR C 172 2.41 12.43 -0.37
C TYR C 172 1.90 11.05 -0.72
N LEU C 173 0.59 10.93 -0.92
CA LEU C 173 -0.09 9.71 -1.27
C LEU C 173 0.43 9.09 -2.58
N HIS C 174 0.65 9.94 -3.58
CA HIS C 174 1.16 9.52 -4.88
C HIS C 174 2.64 9.16 -4.84
N GLN C 175 3.41 9.82 -3.98
CA GLN C 175 4.83 9.52 -3.72
C GLN C 175 5.00 8.15 -3.06
N HIS C 176 4.01 7.72 -2.26
CA HIS C 176 3.93 6.41 -1.63
C HIS C 176 3.18 5.40 -2.49
N TRP C 177 2.99 5.75 -3.76
CA TRP C 177 2.47 4.90 -4.80
C TRP C 177 1.03 4.44 -4.56
N ILE C 178 0.22 5.26 -3.89
CA ILE C 178 -1.19 4.98 -3.65
C ILE C 178 -2.04 6.01 -4.40
N LEU C 179 -3.05 5.52 -5.10
CA LEU C 179 -4.14 6.30 -5.68
C LEU C 179 -5.27 6.32 -4.67
N HIS C 180 -5.83 7.48 -4.38
CA HIS C 180 -7.00 7.64 -3.52
C HIS C 180 -8.23 7.02 -4.15
N ARG C 181 -8.43 7.34 -5.44
CA ARG C 181 -9.32 6.65 -6.35
C ARG C 181 -10.80 6.78 -5.95
N ASP C 182 -11.14 7.90 -5.31
CA ASP C 182 -12.45 8.20 -4.79
C ASP C 182 -12.41 9.62 -4.25
N LEU C 183 -11.72 10.53 -4.95
CA LEU C 183 -11.61 11.89 -4.50
C LEU C 183 -12.88 12.64 -4.94
N LYS C 184 -13.52 13.32 -3.99
CA LYS C 184 -14.75 14.09 -4.16
C LYS C 184 -14.90 14.94 -2.89
N PRO C 185 -15.69 16.03 -2.90
CA PRO C 185 -15.83 16.90 -1.72
C PRO C 185 -16.24 16.27 -0.38
N ASN C 186 -17.00 15.15 -0.38
CA ASN C 186 -17.32 14.35 0.81
C ASN C 186 -16.08 13.85 1.52
N ASN C 187 -15.11 13.40 0.73
CA ASN C 187 -13.96 12.64 1.17
C ASN C 187 -12.81 13.58 1.51
N LEU C 188 -13.05 14.89 1.49
CA LEU C 188 -12.10 15.89 1.90
C LEU C 188 -12.68 16.46 3.17
N LEU C 189 -12.32 15.86 4.29
CA LEU C 189 -12.82 16.20 5.60
C LEU C 189 -11.98 17.36 6.16
N LEU C 190 -12.57 18.21 6.99
CA LEU C 190 -11.93 19.36 7.61
C LEU C 190 -12.01 19.16 9.11
N ASP C 191 -10.88 19.22 9.81
CA ASP C 191 -10.88 19.27 11.26
C ASP C 191 -11.19 20.68 11.73
N GLU C 192 -11.45 20.83 13.02
CA GLU C 192 -11.76 22.07 13.73
C GLU C 192 -10.67 23.15 13.65
N ASN C 193 -9.44 22.78 13.28
CA ASN C 193 -8.33 23.69 13.05
C ASN C 193 -8.22 24.07 11.57
N GLY C 194 -9.09 23.54 10.71
CA GLY C 194 -9.17 23.87 9.30
C GLY C 194 -8.07 23.18 8.50
N VAL C 195 -7.60 22.01 8.95
CA VAL C 195 -6.71 21.17 8.18
C VAL C 195 -7.59 20.20 7.41
N LEU C 196 -7.55 20.28 6.09
CA LEU C 196 -8.18 19.32 5.21
C LEU C 196 -7.42 18.01 5.28
N LYS C 197 -8.13 16.88 5.34
CA LYS C 197 -7.55 15.56 5.20
C LYS C 197 -8.35 14.80 4.18
N LEU C 198 -7.62 14.06 3.34
CA LEU C 198 -8.15 12.99 2.54
C LEU C 198 -8.64 11.88 3.47
N ALA C 199 -9.80 11.31 3.19
CA ALA C 199 -10.44 10.26 3.97
C ALA C 199 -11.24 9.36 3.03
N ASP C 200 -11.70 8.22 3.53
CA ASP C 200 -12.39 7.17 2.80
C ASP C 200 -11.41 6.50 1.83
N PHE C 201 -10.54 5.68 2.40
CA PHE C 201 -9.53 4.90 1.68
C PHE C 201 -10.04 3.55 1.22
N GLY C 202 -11.36 3.41 1.14
CA GLY C 202 -12.05 2.17 0.86
C GLY C 202 -11.86 1.69 -0.57
N LEU C 203 -11.52 2.56 -1.52
CA LEU C 203 -11.21 2.23 -2.91
C LEU C 203 -9.74 2.50 -3.25
N ALA C 204 -8.94 3.04 -2.32
CA ALA C 204 -7.57 3.42 -2.56
C ALA C 204 -6.71 2.21 -2.86
N LYS C 205 -5.79 2.31 -3.82
CA LYS C 205 -5.04 1.16 -4.29
C LYS C 205 -3.62 1.61 -4.60
N SER C 206 -2.65 0.74 -4.34
CA SER C 206 -1.28 0.87 -4.81
C SER C 206 -1.20 0.77 -6.33
N PHE C 207 -0.51 1.71 -6.96
CA PHE C 207 -0.34 1.77 -8.40
C PHE C 207 1.15 1.65 -8.76
N GLY C 208 1.41 1.48 -10.06
CA GLY C 208 2.77 1.44 -10.61
C GLY C 208 3.21 0.01 -10.84
N SER C 209 2.36 -0.96 -10.54
CA SER C 209 2.63 -2.37 -10.77
C SER C 209 1.81 -2.79 -12.01
N PRO C 210 2.47 -3.16 -13.12
CA PRO C 210 1.78 -3.68 -14.31
C PRO C 210 1.08 -5.03 -14.11
N ASN C 211 1.54 -5.82 -13.13
CA ASN C 211 1.13 -7.21 -12.90
C ASN C 211 -0.28 -7.34 -12.30
N ARG C 212 -0.94 -6.21 -12.07
CA ARG C 212 -2.25 -6.05 -11.47
C ARG C 212 -3.05 -5.26 -12.50
N ALA C 213 -4.30 -5.67 -12.74
CA ALA C 213 -5.29 -4.83 -13.41
C ALA C 213 -6.14 -4.19 -12.33
N TYR C 214 -6.61 -3.00 -12.61
CA TYR C 214 -7.39 -2.17 -11.72
C TYR C 214 -8.79 -2.07 -12.36
N THR C 215 -9.85 -1.88 -11.59
CA THR C 215 -11.17 -1.60 -12.19
C THR C 215 -11.25 -0.14 -12.68
N HIS C 216 -12.22 0.15 -13.56
CA HIS C 216 -12.45 1.46 -14.13
C HIS C 216 -13.65 2.17 -13.50
N GLN C 217 -14.48 1.44 -12.74
CA GLN C 217 -15.69 1.95 -12.09
C GLN C 217 -15.36 2.43 -10.68
N VAL C 218 -14.46 3.42 -10.56
CA VAL C 218 -13.78 3.66 -9.30
C VAL C 218 -13.32 5.11 -9.15
N VAL C 219 -14.26 6.01 -9.38
CA VAL C 219 -14.36 7.31 -8.76
C VAL C 219 -15.86 7.57 -8.94
N THR C 220 -16.50 8.31 -8.04
CA THR C 220 -17.87 8.78 -8.22
C THR C 220 -17.98 9.56 -9.53
N ARG C 221 -18.93 9.18 -10.37
CA ARG C 221 -19.04 9.51 -11.78
C ARG C 221 -18.66 10.94 -12.14
N TRP C 222 -19.14 11.91 -11.36
CA TRP C 222 -18.95 13.33 -11.59
C TRP C 222 -17.52 13.83 -11.49
N TYR C 223 -16.66 13.04 -10.84
CA TYR C 223 -15.26 13.33 -10.61
C TYR C 223 -14.40 12.30 -11.33
N ARG C 224 -15.01 11.45 -12.16
CA ARG C 224 -14.34 10.40 -12.86
C ARG C 224 -13.71 10.92 -14.15
N ALA C 225 -12.40 10.73 -14.27
CA ALA C 225 -11.57 11.07 -15.41
C ALA C 225 -11.99 10.32 -16.67
N PRO C 226 -11.84 10.95 -17.85
CA PRO C 226 -12.30 10.37 -19.11
C PRO C 226 -11.64 9.03 -19.47
N GLU C 227 -10.42 8.77 -19.03
CA GLU C 227 -9.80 7.46 -19.19
C GLU C 227 -10.52 6.36 -18.42
N LEU C 228 -11.10 6.65 -17.26
CA LEU C 228 -11.88 5.67 -16.52
C LEU C 228 -13.26 5.44 -17.15
N LEU C 229 -13.88 6.50 -17.66
CA LEU C 229 -15.14 6.44 -18.40
C LEU C 229 -14.97 5.70 -19.73
N PHE C 230 -13.84 5.90 -20.41
CA PHE C 230 -13.43 5.09 -21.54
C PHE C 230 -12.83 3.74 -21.16
N GLY C 231 -12.78 3.39 -19.88
CA GLY C 231 -12.56 2.01 -19.46
C GLY C 231 -11.10 1.65 -19.25
N ALA C 232 -10.19 2.58 -18.94
CA ALA C 232 -8.82 2.29 -18.52
C ALA C 232 -8.77 1.34 -17.34
N ARG C 233 -8.04 0.22 -17.49
CA ARG C 233 -7.76 -0.73 -16.43
C ARG C 233 -6.32 -0.53 -15.89
N MET C 234 -5.50 0.27 -16.55
CA MET C 234 -4.17 0.69 -16.10
C MET C 234 -4.19 2.20 -16.20
N TYR C 235 -3.76 2.87 -15.15
CA TYR C 235 -3.81 4.31 -15.02
C TYR C 235 -2.91 4.69 -13.87
N GLY C 236 -2.78 5.98 -13.61
CA GLY C 236 -1.90 6.46 -12.59
C GLY C 236 -2.60 7.64 -11.95
N VAL C 237 -1.81 8.62 -11.53
CA VAL C 237 -2.23 9.75 -10.73
C VAL C 237 -3.27 10.65 -11.40
N GLY C 238 -3.46 10.53 -12.71
CA GLY C 238 -4.41 11.28 -13.50
C GLY C 238 -5.85 11.09 -13.03
N VAL C 239 -6.22 9.90 -12.52
CA VAL C 239 -7.54 9.64 -11.97
C VAL C 239 -7.83 10.39 -10.66
N ASP C 240 -6.82 10.77 -9.88
CA ASP C 240 -7.00 11.63 -8.73
C ASP C 240 -6.86 13.08 -9.14
N MET C 241 -5.94 13.39 -10.07
CA MET C 241 -5.69 14.77 -10.46
C MET C 241 -6.83 15.40 -11.26
N TRP C 242 -7.57 14.61 -12.04
CA TRP C 242 -8.82 15.03 -12.67
C TRP C 242 -9.88 15.38 -11.64
N ALA C 243 -10.02 14.54 -10.61
CA ALA C 243 -10.99 14.70 -9.56
C ALA C 243 -10.71 15.96 -8.73
N VAL C 244 -9.44 16.30 -8.48
CA VAL C 244 -9.02 17.59 -7.94
C VAL C 244 -9.44 18.76 -8.85
N GLY C 245 -9.35 18.59 -10.16
CA GLY C 245 -9.90 19.51 -11.15
C GLY C 245 -11.39 19.73 -10.91
N CYS C 246 -12.15 18.64 -10.84
CA CYS C 246 -13.60 18.64 -10.62
C CYS C 246 -13.98 19.27 -9.27
N ILE C 247 -13.19 19.04 -8.22
CA ILE C 247 -13.36 19.64 -6.91
C ILE C 247 -13.02 21.14 -6.93
N LEU C 248 -11.95 21.53 -7.61
CA LEU C 248 -11.57 22.93 -7.82
C LEU C 248 -12.66 23.70 -8.58
N ALA C 249 -13.14 23.11 -9.66
CA ALA C 249 -14.26 23.61 -10.43
C ALA C 249 -15.52 23.80 -9.59
N GLU C 250 -15.85 22.80 -8.77
CA GLU C 250 -16.94 22.86 -7.82
C GLU C 250 -16.72 23.86 -6.66
N LEU C 251 -15.50 24.07 -6.17
CA LEU C 251 -15.15 25.17 -5.27
C LEU C 251 -15.42 26.55 -5.89
N LEU C 252 -15.13 26.70 -7.19
CA LEU C 252 -15.30 27.93 -7.94
C LEU C 252 -16.77 28.20 -8.29
N LEU C 253 -17.47 27.18 -8.77
CA LEU C 253 -18.84 27.29 -9.27
C LEU C 253 -19.89 27.10 -8.17
N ARG C 254 -19.53 26.41 -7.08
CA ARG C 254 -20.38 26.01 -5.96
C ARG C 254 -21.41 24.92 -6.30
N VAL C 255 -21.27 24.33 -7.47
CA VAL C 255 -22.18 23.37 -8.05
C VAL C 255 -21.26 22.32 -8.70
N PRO C 256 -21.63 21.01 -8.65
CA PRO C 256 -21.01 19.95 -9.46
C PRO C 256 -20.71 20.37 -10.89
N PHE C 257 -19.45 20.27 -11.28
CA PHE C 257 -18.96 20.79 -12.54
C PHE C 257 -19.47 19.99 -13.73
N LEU C 258 -19.38 18.68 -13.62
CA LEU C 258 -19.75 17.75 -14.69
C LEU C 258 -20.75 16.73 -14.10
N PRO C 259 -22.01 17.11 -13.81
CA PRO C 259 -22.96 16.20 -13.13
C PRO C 259 -23.71 15.27 -14.09
N GLY C 260 -23.01 14.33 -14.74
CA GLY C 260 -23.61 13.40 -15.67
C GLY C 260 -24.44 12.34 -14.93
N ASP C 261 -25.55 11.98 -15.54
CA ASP C 261 -26.56 11.05 -15.04
C ASP C 261 -26.12 9.58 -15.23
N SER C 262 -25.28 9.32 -16.24
CA SER C 262 -24.76 8.03 -16.63
C SER C 262 -23.30 8.21 -17.07
N ASP C 263 -22.58 7.12 -17.31
CA ASP C 263 -21.20 7.17 -17.81
C ASP C 263 -21.05 7.77 -19.21
N LEU C 264 -22.03 7.54 -20.10
CA LEU C 264 -22.05 8.15 -21.43
C LEU C 264 -22.46 9.60 -21.33
N ASP C 265 -23.42 9.93 -20.45
CA ASP C 265 -23.77 11.29 -20.16
C ASP C 265 -22.63 12.06 -19.52
N GLN C 266 -21.83 11.41 -18.67
CA GLN C 266 -20.62 11.99 -18.09
C GLN C 266 -19.58 12.35 -19.15
N LEU C 267 -19.35 11.46 -20.13
CA LEU C 267 -18.52 11.74 -21.28
C LEU C 267 -19.06 12.86 -22.14
N THR C 268 -20.37 12.87 -22.42
CA THR C 268 -21.03 14.00 -23.08
C THR C 268 -20.85 15.32 -22.34
N ARG C 269 -21.07 15.35 -21.01
CA ARG C 269 -20.89 16.54 -20.19
C ARG C 269 -19.45 17.05 -20.21
N ILE C 270 -18.46 16.15 -20.12
CA ILE C 270 -17.03 16.48 -20.17
C ILE C 270 -16.66 17.12 -21.52
N PHE C 271 -16.97 16.42 -22.62
CA PHE C 271 -16.63 16.85 -23.96
C PHE C 271 -17.38 18.10 -24.40
N GLU C 272 -18.63 18.24 -23.99
CA GLU C 272 -19.42 19.43 -24.22
C GLU C 272 -18.82 20.66 -23.55
N THR C 273 -18.27 20.48 -22.34
CA THR C 273 -17.68 21.54 -21.55
C THR C 273 -16.23 21.88 -21.95
N LEU C 274 -15.39 20.87 -22.20
CA LEU C 274 -13.94 21.04 -22.33
C LEU C 274 -13.45 20.74 -23.76
N GLY C 275 -14.35 20.33 -24.65
CA GLY C 275 -14.06 20.04 -26.04
C GLY C 275 -13.86 18.54 -26.18
N THR C 276 -14.22 18.00 -27.33
CA THR C 276 -13.95 16.60 -27.63
C THR C 276 -12.45 16.46 -27.97
N PRO C 277 -11.71 15.59 -27.25
CA PRO C 277 -10.28 15.45 -27.45
C PRO C 277 -9.94 14.89 -28.83
N THR C 278 -8.94 15.49 -29.46
CA THR C 278 -8.34 14.96 -30.67
C THR C 278 -7.27 13.91 -30.27
N GLU C 279 -6.90 13.05 -31.22
CA GLU C 279 -5.80 12.11 -31.07
C GLU C 279 -4.42 12.83 -31.01
N GLU C 280 -4.40 14.15 -31.25
CA GLU C 280 -3.24 15.02 -31.06
C GLU C 280 -3.12 15.50 -29.61
N GLN C 281 -4.27 15.75 -28.97
CA GLN C 281 -4.35 16.06 -27.56
C GLN C 281 -4.10 14.83 -26.70
N TRP C 282 -4.74 13.72 -27.05
CA TRP C 282 -4.70 12.48 -26.32
C TRP C 282 -4.38 11.35 -27.30
N PRO C 283 -3.07 11.12 -27.56
CA PRO C 283 -2.67 9.96 -28.35
C PRO C 283 -3.04 8.65 -27.65
N ASP C 284 -3.48 7.68 -28.44
CA ASP C 284 -3.79 6.33 -28.01
C ASP C 284 -5.19 6.22 -27.40
N MET C 285 -5.90 7.32 -27.18
CA MET C 285 -7.27 7.42 -26.67
C MET C 285 -8.24 6.37 -27.22
N CYS C 286 -8.17 6.16 -28.53
CA CYS C 286 -8.94 5.17 -29.29
C CYS C 286 -8.67 3.71 -28.88
N SER C 287 -7.57 3.44 -28.17
CA SER C 287 -7.20 2.11 -27.71
C SER C 287 -7.99 1.68 -26.47
N LEU C 288 -8.54 2.63 -25.70
CA LEU C 288 -9.23 2.36 -24.46
C LEU C 288 -10.46 1.44 -24.67
N PRO C 289 -10.67 0.42 -23.81
CA PRO C 289 -11.68 -0.64 -24.01
C PRO C 289 -13.10 -0.19 -24.36
N ASP C 290 -13.55 0.86 -23.68
CA ASP C 290 -14.90 1.41 -23.77
C ASP C 290 -14.83 2.77 -24.45
N TYR C 291 -13.90 2.94 -25.41
CA TYR C 291 -13.86 4.12 -26.25
C TYR C 291 -15.00 4.03 -27.25
N VAL C 292 -15.81 5.08 -27.31
CA VAL C 292 -16.76 5.33 -28.36
C VAL C 292 -16.53 6.76 -28.78
N THR C 293 -16.58 7.00 -30.09
CA THR C 293 -16.37 8.32 -30.65
C THR C 293 -17.61 9.19 -30.38
N PHE C 294 -17.34 10.46 -30.10
CA PHE C 294 -18.32 11.48 -29.78
C PHE C 294 -18.37 12.50 -30.91
N LYS C 295 -19.48 13.25 -30.93
CA LYS C 295 -19.61 14.46 -31.72
C LYS C 295 -18.49 15.45 -31.36
N SER C 296 -18.03 16.24 -32.31
CA SER C 296 -16.98 17.23 -32.09
C SER C 296 -17.59 18.47 -31.45
N PHE C 297 -17.56 18.53 -30.12
CA PHE C 297 -17.90 19.71 -29.35
C PHE C 297 -16.67 20.62 -29.34
N PRO C 298 -16.86 21.95 -29.53
CA PRO C 298 -15.74 22.90 -29.43
C PRO C 298 -15.17 23.04 -28.01
N GLY C 299 -16.02 22.87 -27.00
CA GLY C 299 -15.73 23.18 -25.62
C GLY C 299 -15.97 24.67 -25.39
N ILE C 300 -16.15 25.05 -24.13
CA ILE C 300 -16.29 26.43 -23.72
C ILE C 300 -14.90 26.83 -23.18
N PRO C 301 -14.32 27.95 -23.64
CA PRO C 301 -13.10 28.51 -23.05
C PRO C 301 -13.17 28.67 -21.52
N LEU C 302 -12.14 28.23 -20.79
CA LEU C 302 -12.19 28.17 -19.32
C LEU C 302 -12.47 29.50 -18.64
N HIS C 303 -12.14 30.64 -19.26
CA HIS C 303 -12.47 31.95 -18.71
C HIS C 303 -13.95 32.31 -18.86
N HIS C 304 -14.68 31.63 -19.75
CA HIS C 304 -16.14 31.73 -19.83
C HIS C 304 -16.84 30.80 -18.85
N ILE C 305 -16.14 29.76 -18.36
CA ILE C 305 -16.65 28.90 -17.31
C ILE C 305 -16.31 29.52 -15.95
N PHE C 306 -15.04 29.85 -15.74
CA PHE C 306 -14.50 30.30 -14.48
C PHE C 306 -14.22 31.79 -14.64
N SER C 307 -15.30 32.56 -14.72
CA SER C 307 -15.34 33.98 -15.01
C SER C 307 -14.55 34.86 -14.02
N ALA C 308 -14.36 34.37 -12.80
CA ALA C 308 -13.61 35.02 -11.74
C ALA C 308 -12.19 34.49 -11.60
N ALA C 309 -11.77 33.49 -12.40
CA ALA C 309 -10.44 32.91 -12.29
C ALA C 309 -9.40 33.79 -12.96
N GLY C 310 -8.28 34.01 -12.28
CA GLY C 310 -7.10 34.66 -12.85
C GLY C 310 -6.40 33.69 -13.80
N ASP C 311 -5.49 34.20 -14.64
CA ASP C 311 -4.82 33.39 -15.65
C ASP C 311 -3.97 32.27 -15.04
N ASP C 312 -3.38 32.53 -13.86
CA ASP C 312 -2.66 31.55 -13.05
C ASP C 312 -3.54 30.36 -12.64
N LEU C 313 -4.75 30.65 -12.16
CA LEU C 313 -5.76 29.67 -11.77
C LEU C 313 -6.29 28.91 -12.97
N LEU C 314 -6.48 29.60 -14.10
CA LEU C 314 -6.86 28.98 -15.35
C LEU C 314 -5.79 28.03 -15.90
N ASP C 315 -4.50 28.32 -15.70
CA ASP C 315 -3.39 27.41 -16.02
C ASP C 315 -3.39 26.16 -15.15
N LEU C 316 -3.69 26.31 -13.85
CA LEU C 316 -3.89 25.20 -12.91
C LEU C 316 -5.07 24.33 -13.36
N ILE C 317 -6.24 24.94 -13.55
CA ILE C 317 -7.45 24.27 -14.03
C ILE C 317 -7.21 23.55 -15.35
N GLN C 318 -6.57 24.21 -16.31
CA GLN C 318 -6.24 23.63 -17.60
C GLN C 318 -5.31 22.43 -17.48
N GLY C 319 -4.30 22.52 -16.61
CA GLY C 319 -3.35 21.43 -16.37
C GLY C 319 -4.04 20.21 -15.75
N LEU C 320 -4.98 20.45 -14.81
CA LEU C 320 -5.79 19.42 -14.15
C LEU C 320 -6.78 18.73 -15.08
N PHE C 321 -7.21 19.42 -16.15
CA PHE C 321 -8.24 18.96 -17.06
C PHE C 321 -7.71 18.53 -18.42
N LEU C 322 -6.40 18.34 -18.59
CA LEU C 322 -5.88 17.77 -19.81
C LEU C 322 -6.40 16.34 -19.97
N PHE C 323 -6.84 16.04 -21.18
CA PHE C 323 -7.44 14.77 -21.53
C PHE C 323 -6.43 13.63 -21.48
N ASN C 324 -5.21 13.90 -21.94
CA ASN C 324 -4.12 12.95 -21.88
C ASN C 324 -3.67 12.77 -20.43
N PRO C 325 -3.89 11.60 -19.81
CA PRO C 325 -3.56 11.42 -18.39
C PRO C 325 -2.06 11.48 -18.08
N CYS C 326 -1.21 11.27 -19.09
CA CYS C 326 0.23 11.46 -19.01
C CYS C 326 0.62 12.93 -18.96
N ALA C 327 -0.09 13.78 -19.72
CA ALA C 327 0.20 15.21 -19.83
C ALA C 327 -0.45 16.02 -18.71
N ARG C 328 -1.55 15.51 -18.16
CA ARG C 328 -2.27 16.06 -17.02
C ARG C 328 -1.33 16.20 -15.84
N ILE C 329 -1.35 17.34 -15.17
CA ILE C 329 -0.37 17.66 -14.16
C ILE C 329 -0.47 16.73 -12.94
N THR C 330 0.69 16.35 -12.39
CA THR C 330 0.81 15.68 -11.12
C THR C 330 0.59 16.67 -9.97
N ALA C 331 0.39 16.16 -8.75
CA ALA C 331 0.23 16.97 -7.55
C ALA C 331 1.45 17.81 -7.24
N THR C 332 2.65 17.24 -7.41
CA THR C 332 3.92 17.94 -7.34
C THR C 332 3.99 19.13 -8.30
N GLN C 333 3.70 18.93 -9.58
CA GLN C 333 3.85 20.00 -10.55
C GLN C 333 2.70 20.99 -10.49
N ALA C 334 1.52 20.58 -10.00
CA ALA C 334 0.43 21.44 -9.58
C ALA C 334 0.85 22.40 -8.46
N LEU C 335 1.52 21.89 -7.43
CA LEU C 335 2.00 22.67 -6.29
C LEU C 335 3.10 23.67 -6.64
N LYS C 336 3.88 23.36 -7.68
CA LYS C 336 4.93 24.22 -8.22
C LYS C 336 4.38 25.32 -9.13
N MET C 337 3.11 25.26 -9.54
CA MET C 337 2.51 26.26 -10.42
C MET C 337 2.41 27.61 -9.74
N LYS C 338 2.50 28.67 -10.55
CA LYS C 338 2.49 30.04 -10.05
C LYS C 338 1.22 30.42 -9.30
N TYR C 339 0.11 29.73 -9.54
CA TYR C 339 -1.10 29.88 -8.76
C TYR C 339 -0.86 29.81 -7.26
N PHE C 340 -0.10 28.83 -6.76
CA PHE C 340 0.16 28.75 -5.33
C PHE C 340 1.16 29.78 -4.83
N SER C 341 2.16 30.09 -5.66
CA SER C 341 3.24 31.02 -5.37
C SER C 341 2.83 32.49 -5.38
N ASN C 342 1.79 32.83 -6.16
CA ASN C 342 1.27 34.19 -6.33
C ASN C 342 0.56 34.70 -5.09
N ARG C 343 0.21 35.98 -5.14
CA ARG C 343 -0.77 36.56 -4.23
C ARG C 343 -2.18 36.25 -4.75
N PRO C 344 -3.20 36.25 -3.86
CA PRO C 344 -3.08 36.30 -2.39
C PRO C 344 -2.51 35.00 -1.83
N GLY C 345 -1.99 35.02 -0.60
CA GLY C 345 -1.57 33.78 0.06
C GLY C 345 -2.78 32.87 0.34
N PRO C 346 -2.59 31.53 0.42
CA PRO C 346 -3.64 30.63 0.95
C PRO C 346 -3.99 31.01 2.40
N THR C 347 -5.27 31.04 2.77
CA THR C 347 -5.63 31.34 4.16
C THR C 347 -5.10 30.26 5.13
N PRO C 348 -4.62 30.71 6.32
CA PRO C 348 -4.48 29.83 7.49
C PRO C 348 -5.72 28.98 7.77
N GLY C 349 -5.52 27.77 8.28
CA GLY C 349 -6.60 26.84 8.63
C GLY C 349 -7.56 27.48 9.64
N CYS C 350 -7.03 28.25 10.60
CA CYS C 350 -7.81 28.99 11.59
C CYS C 350 -8.74 30.07 10.99
N GLN C 351 -8.56 30.43 9.72
CA GLN C 351 -9.32 31.46 9.03
C GLN C 351 -10.15 30.91 7.86
N LEU C 352 -10.07 29.61 7.59
CA LEU C 352 -10.94 28.94 6.63
C LEU C 352 -12.40 28.91 7.11
N PRO C 353 -13.38 29.11 6.21
CA PRO C 353 -14.79 29.32 6.56
C PRO C 353 -15.43 28.07 7.18
N ARG C 354 -16.10 28.28 8.30
CA ARG C 354 -16.55 27.21 9.18
C ARG C 354 -18.09 27.12 9.08
N PRO C 355 -18.64 26.09 8.38
CA PRO C 355 -20.09 25.93 8.26
C PRO C 355 -20.71 25.56 9.62
N ASN C 356 -21.32 26.55 10.27
CA ASN C 356 -21.86 26.44 11.63
C ASN C 356 -23.35 26.77 11.61
O1 I74 D . -15.66 9.44 6.35
O1 I74 D . -20.15 9.54 4.95
C42 I74 D . -16.69 10.14 5.71
C42 I74 D . -18.77 9.45 4.70
C43 I74 D . -16.26 10.57 4.31
C43 I74 D . -18.34 10.27 3.45
N44 I74 D . -17.45 11.29 3.67
N44 I74 D . -17.22 11.28 3.79
C45 I74 D . -18.65 10.36 3.53
C45 I74 D . -16.02 10.66 4.53
C46 I74 D . -19.12 9.92 4.92
C46 I74 D . -16.47 9.68 5.64
C41 I74 D . -17.99 9.30 5.77
C41 I74 D . -17.98 9.80 5.95
C40 I74 D . -18.47 9.04 7.21
C40 I74 D . -18.46 9.15 7.25
N18 I74 D . -18.77 10.23 8.01
N18 I74 D . -18.83 10.18 8.22
C5 I74 D . -17.83 10.87 8.80
C5 I74 D . -17.85 10.86 8.91
C4 I74 D . -18.21 11.97 9.51
C4 I74 D . -18.20 11.98 9.58
C3 I74 D . -17.27 12.59 10.31
C3 I74 D . -17.24 12.61 10.35
N2 I74 D . -16.03 12.04 10.38
N2 I74 D . -16.00 12.05 10.39
N1 I74 D . -14.97 12.46 11.09
N1 I74 D . -14.93 12.46 11.11
C9 I74 D . -14.08 11.54 10.87
C9 I74 D . -14.04 11.53 10.88
C8 I74 D . -14.44 10.51 10.04
C8 I74 D . -14.42 10.51 10.04
C26 I74 D . -13.61 9.31 9.68
C26 I74 D . -13.61 9.30 9.66
C28 I74 D . -14.37 8.00 9.67
C28 I74 D . -14.36 7.99 9.81
C27 I74 D . -12.81 9.49 8.42
C27 I74 D . -12.96 9.40 8.31
C7 I74 D . -15.75 10.88 9.67
C7 I74 D . -15.73 10.89 9.69
N6 I74 D . -16.62 10.32 8.87
N6 I74 D . -16.63 10.33 8.92
N10 I74 D . -17.55 13.74 11.04
N10 I74 D . -17.52 13.77 11.06
C11 I74 D . -18.78 14.50 10.95
C11 I74 D . -18.75 14.53 10.98
C12 I74 D . -19.03 15.12 9.58
C12 I74 D . -19.02 15.12 9.60
C17 I74 D . -20.29 15.63 9.31
C17 I74 D . -20.27 15.63 9.34
C16 I74 D . -20.56 16.20 8.08
C16 I74 D . -20.56 16.19 8.10
C15 I74 D . -19.59 16.24 7.11
C15 I74 D . -19.59 16.23 7.13
C14 I74 D . -18.33 15.76 7.38
C14 I74 D . -18.33 15.75 7.38
C13 I74 D . -18.04 15.23 8.61
C13 I74 D . -18.02 15.23 8.62
H1 I74 D . -15.79 9.61 7.29
H1 I74 D . -20.30 10.26 5.59
H2 I74 D . -16.87 11.07 6.25
H2 I74 D . -18.60 8.39 4.44
H3 I74 D . -16.03 9.75 3.64
H3 I74 D . -19.17 10.84 3.02
H4 I74 D . -15.47 11.32 4.32
H4 I74 D . -17.96 9.63 2.66
H5 I74 D . -17.17 11.64 2.77
H5 I74 D . -17.62 12.00 4.38
H7 I74 D . -19.42 10.93 3.02
H7 I74 D . -15.41 10.16 3.77
H8 I74 D . -18.35 9.52 2.90
H8 I74 D . -15.47 11.51 4.92
H9 I74 D . -19.48 10.82 5.42
H9 I74 D . -16.18 8.65 5.45
H10 I74 D . -19.99 9.27 4.88
H10 I74 D . -15.90 9.96 6.53
H11 I74 D . -17.75 8.35 5.29
H11 I74 D . -18.13 10.88 6.07
H12 I74 D . -17.71 8.44 7.70
H12 I74 D . -17.65 8.52 7.64
H13 I74 D . -19.36 8.39 7.21
H13 I74 D . -19.30 8.47 7.11
H14 I74 D . -19.65 10.71 7.83
H14 I74 D . -19.69 10.68 8.06
H15 I74 D . -19.21 12.34 9.42
H15 I74 D . -19.21 12.35 9.52
H16 I74 D . -13.10 11.60 11.36
H16 I74 D . -13.07 11.59 11.34
H17 I74 D . -12.86 9.20 10.47
H17 I74 D . -12.77 9.24 10.37
H18 I74 D . -13.73 7.15 9.42
H18 I74 D . -13.74 7.14 9.51
H19 I74 D . -14.81 7.79 10.65
H19 I74 D . -14.65 7.82 10.85
H20 I74 D . -15.18 8.00 8.94
H20 I74 D . -15.25 7.96 9.20
H21 I74 D . -12.12 8.65 8.26
H21 I74 D . -12.33 8.53 8.10
H22 I74 D . -13.45 9.55 7.54
H22 I74 D . -13.70 9.45 7.52
H23 I74 D . -12.20 10.39 8.46
H23 I74 D . -12.32 10.27 8.24
H24 I74 D . -16.77 14.19 11.51
H24 I74 D . -16.72 14.23 11.51
H25 I74 D . -19.62 13.85 11.20
H25 I74 D . -19.59 13.89 11.25
H26 I74 D . -18.76 15.30 11.68
H26 I74 D . -18.72 15.34 11.70
H27 I74 D . -21.08 15.58 10.05
H27 I74 D . -21.06 15.58 10.09
H28 I74 D . -21.55 16.59 7.87
H28 I74 D . -21.55 16.58 7.91
H29 I74 D . -19.81 16.68 6.14
H29 I74 D . -19.83 16.66 6.16
H30 I74 D . -17.56 15.80 6.62
H30 I74 D . -17.56 15.79 6.62
H31 I74 D . -17.03 14.88 8.80
H31 I74 D . -17.01 14.89 8.80
H042 I74 D . -17.70 12.10 4.23
H042 I74 D . -16.90 11.76 2.95
#